data_3ESF
#
_entry.id   3ESF
#
_cell.length_a   68.302
_cell.length_b   76.504
_cell.length_c   76.981
_cell.angle_alpha   90.00
_cell.angle_beta   92.70
_cell.angle_gamma   90.00
#
_symmetry.space_group_name_H-M   'P 1 21 1'
#
loop_
_entity.id
_entity.type
_entity.pdbx_description
1 polymer 'Iron-containing superoxide dismutase B2'
2 non-polymer 'FE (III) ION'
3 water water
#
_entity_poly.entity_id   1
_entity_poly.type   'polypeptide(L)'
_entity_poly.pdbx_seq_one_letter_code
;MAFSIPPLPWGYDGLAAKGISKEQVTFHYDKHHMGYVTKLNAAANSNPALAAKSVEEIIRTEKGPIFNLAAQIFNHNFYW
ESMSPNGGGEPSGKLAEAIRASFGSFAKFKEEFTNAAVGHFGSGWAWLVQDTTTKKLKVFQTHDAGCPLTEADLKPILTC
DVWEHAYYIDYKNDRPAYVQTFWNVVNWDHAENQFTR
;
_entity_poly.pdbx_strand_id   A,B,C,D
#
loop_
_chem_comp.id
_chem_comp.type
_chem_comp.name
_chem_comp.formula
FE non-polymer 'FE (III) ION' 'Fe 3'
#
# COMPACT_ATOMS: atom_id res chain seq x y z
N MET A 1 -17.90 -2.22 -32.19
CA MET A 1 -17.78 -3.23 -31.08
C MET A 1 -16.32 -3.47 -30.70
N ALA A 2 -15.85 -2.74 -29.69
CA ALA A 2 -14.55 -2.05 -29.79
C ALA A 2 -13.36 -2.95 -29.63
N PHE A 3 -13.49 -3.92 -28.74
CA PHE A 3 -12.38 -4.75 -28.31
C PHE A 3 -12.69 -6.21 -28.59
N SER A 4 -11.65 -6.95 -28.95
CA SER A 4 -11.75 -8.41 -29.10
C SER A 4 -10.45 -9.05 -28.62
N ILE A 5 -10.48 -10.37 -28.50
CA ILE A 5 -9.26 -11.12 -28.17
C ILE A 5 -9.04 -12.17 -29.24
N PRO A 6 -7.76 -12.55 -29.46
CA PRO A 6 -7.47 -13.63 -30.41
C PRO A 6 -8.01 -14.96 -29.88
N PRO A 7 -8.33 -15.90 -30.79
CA PRO A 7 -8.74 -17.21 -30.33
C PRO A 7 -7.58 -17.86 -29.57
N LEU A 8 -7.89 -18.91 -28.80
CA LEU A 8 -6.84 -19.72 -28.19
C LEU A 8 -5.88 -20.20 -29.30
N PRO A 9 -4.56 -20.14 -29.05
CA PRO A 9 -3.62 -20.52 -30.10
C PRO A 9 -3.75 -21.99 -30.53
N TRP A 10 -4.20 -22.86 -29.62
CA TRP A 10 -4.17 -24.30 -29.82
C TRP A 10 -5.49 -25.01 -29.53
N GLY A 11 -6.58 -24.24 -29.40
CA GLY A 11 -7.93 -24.83 -29.24
C GLY A 11 -8.29 -25.11 -27.80
N TYR A 12 -9.58 -25.29 -27.50
CA TYR A 12 -10.03 -25.47 -26.12
C TYR A 12 -9.40 -26.70 -25.46
N ASP A 13 -9.26 -27.76 -26.24
CA ASP A 13 -8.71 -29.04 -25.74
C ASP A 13 -7.22 -29.17 -25.98
N GLY A 14 -6.57 -28.10 -26.41
CA GLY A 14 -5.18 -28.15 -26.88
C GLY A 14 -4.14 -28.59 -25.86
N LEU A 15 -4.41 -28.32 -24.58
CA LEU A 15 -3.47 -28.66 -23.51
C LEU A 15 -3.93 -29.86 -22.66
N ALA A 16 -5.05 -30.48 -23.04
CA ALA A 16 -5.61 -31.61 -22.29
C ALA A 16 -4.62 -32.78 -22.13
N ALA A 17 -3.91 -33.12 -23.20
CA ALA A 17 -2.86 -34.17 -23.20
C ALA A 17 -1.68 -33.87 -22.26
N LYS A 18 -1.49 -32.60 -21.90
CA LYS A 18 -0.38 -32.18 -21.03
C LYS A 18 -0.79 -31.59 -19.66
N GLY A 19 -2.06 -31.70 -19.31
CA GLY A 19 -2.47 -31.38 -17.96
C GLY A 19 -3.28 -30.13 -17.74
N ILE A 20 -3.78 -29.52 -18.83
CA ILE A 20 -4.76 -28.44 -18.66
C ILE A 20 -6.00 -28.80 -19.48
N SER A 21 -7.09 -29.15 -18.80
CA SER A 21 -8.22 -29.80 -19.45
C SER A 21 -9.04 -28.83 -20.31
N LYS A 22 -9.81 -29.41 -21.21
CA LYS A 22 -10.77 -28.69 -22.00
C LYS A 22 -11.68 -27.84 -21.10
N GLU A 23 -12.22 -28.43 -20.02
CA GLU A 23 -13.07 -27.70 -19.08
C GLU A 23 -12.38 -26.53 -18.39
N GLN A 24 -11.16 -26.73 -17.89
CA GLN A 24 -10.34 -25.67 -17.30
C GLN A 24 -10.05 -24.50 -18.27
N VAL A 25 -9.61 -24.81 -19.47
CA VAL A 25 -9.39 -23.82 -20.52
C VAL A 25 -10.70 -23.11 -20.96
N THR A 26 -11.79 -23.87 -21.05
CA THR A 26 -13.11 -23.30 -21.45
C THR A 26 -13.59 -22.26 -20.47
N PHE A 27 -13.67 -22.60 -19.18
CA PHE A 27 -14.10 -21.59 -18.19
C PHE A 27 -13.14 -20.40 -18.19
N HIS A 28 -11.84 -20.67 -18.26
CA HIS A 28 -10.86 -19.60 -18.11
C HIS A 28 -10.92 -18.57 -19.26
N TYR A 29 -11.00 -19.11 -20.48
CA TYR A 29 -11.12 -18.30 -21.68
C TYR A 29 -12.53 -17.73 -21.85
N ASP A 30 -13.56 -18.60 -21.83
CA ASP A 30 -14.93 -18.17 -22.18
C ASP A 30 -15.57 -17.28 -21.11
N LYS A 31 -15.29 -17.58 -19.84
CA LYS A 31 -15.87 -16.83 -18.73
C LYS A 31 -14.95 -15.69 -18.26
N HIS A 32 -13.76 -16.01 -17.75
CA HIS A 32 -12.88 -14.97 -17.21
C HIS A 32 -12.30 -14.04 -18.25
N HIS A 33 -11.60 -14.59 -19.23
CA HIS A 33 -10.87 -13.81 -20.24
C HIS A 33 -11.87 -13.00 -21.09
N MET A 34 -12.86 -13.68 -21.67
CA MET A 34 -13.90 -12.97 -22.43
C MET A 34 -14.76 -12.04 -21.58
N GLY A 35 -14.94 -12.38 -20.31
CA GLY A 35 -15.64 -11.48 -19.37
C GLY A 35 -15.04 -10.10 -19.27
N TYR A 36 -13.71 -10.00 -19.27
CA TYR A 36 -13.03 -8.71 -19.25
C TYR A 36 -13.32 -7.90 -20.51
N VAL A 37 -13.30 -8.58 -21.67
CA VAL A 37 -13.62 -7.95 -22.96
C VAL A 37 -15.04 -7.36 -22.94
N THR A 38 -15.98 -8.18 -22.46
CA THR A 38 -17.36 -7.80 -22.30
C THR A 38 -17.49 -6.52 -21.46
N LYS A 39 -16.84 -6.50 -20.30
CA LYS A 39 -16.90 -5.36 -19.42
C LYS A 39 -16.24 -4.13 -20.05
N LEU A 40 -15.12 -4.34 -20.73
CA LEU A 40 -14.41 -3.23 -21.40
C LEU A 40 -15.23 -2.65 -22.53
N ASN A 41 -15.88 -3.52 -23.29
CA ASN A 41 -16.75 -3.09 -24.38
C ASN A 41 -17.94 -2.27 -23.87
N ALA A 42 -18.50 -2.66 -22.72
CA ALA A 42 -19.54 -1.86 -22.07
C ALA A 42 -19.06 -0.46 -21.66
N ALA A 43 -17.83 -0.35 -21.14
CA ALA A 43 -17.25 0.95 -20.78
C ALA A 43 -16.99 1.79 -22.02
N ALA A 44 -16.56 1.13 -23.09
CA ALA A 44 -16.21 1.76 -24.37
C ALA A 44 -17.44 2.28 -25.14
N ASN A 45 -18.59 1.62 -24.95
CA ASN A 45 -19.87 1.96 -25.62
C ASN A 45 -20.27 3.43 -25.42
N SER A 46 -19.99 3.97 -24.23
CA SER A 46 -20.35 5.36 -23.96
C SER A 46 -19.15 6.32 -23.96
N ASN A 47 -17.97 5.83 -24.32
CA ASN A 47 -16.74 6.63 -24.32
C ASN A 47 -15.95 6.36 -25.62
N PRO A 48 -16.23 7.11 -26.70
CA PRO A 48 -15.59 6.92 -28.01
C PRO A 48 -14.05 6.99 -27.93
N ALA A 49 -13.54 7.88 -27.07
CA ALA A 49 -12.10 8.03 -26.83
C ALA A 49 -11.42 6.76 -26.31
N LEU A 50 -12.02 6.18 -25.28
CA LEU A 50 -11.57 4.89 -24.78
C LEU A 50 -11.65 3.77 -25.85
N ALA A 51 -12.74 3.73 -26.59
CA ALA A 51 -12.98 2.73 -27.63
C ALA A 51 -11.89 2.76 -28.73
N ALA A 52 -11.29 3.93 -28.92
CA ALA A 52 -10.25 4.18 -29.95
C ALA A 52 -8.83 3.84 -29.47
N LYS A 53 -8.68 3.49 -28.18
CA LYS A 53 -7.38 3.15 -27.63
C LYS A 53 -7.13 1.65 -27.76
N SER A 54 -5.87 1.29 -28.01
CA SER A 54 -5.45 -0.11 -27.91
C SER A 54 -5.43 -0.55 -26.43
N VAL A 55 -5.52 -1.87 -26.22
CA VAL A 55 -5.34 -2.46 -24.89
C VAL A 55 -4.01 -2.00 -24.23
N GLU A 56 -2.92 -1.98 -25.02
CA GLU A 56 -1.62 -1.54 -24.51
C GLU A 56 -1.59 -0.06 -24.12
N GLU A 57 -2.20 0.78 -24.96
CA GLU A 57 -2.37 2.21 -24.68
C GLU A 57 -3.15 2.40 -23.36
N ILE A 58 -4.22 1.62 -23.17
CA ILE A 58 -4.99 1.66 -21.91
C ILE A 58 -4.14 1.30 -20.67
N ILE A 59 -3.43 0.18 -20.76
CA ILE A 59 -2.50 -0.28 -19.71
C ILE A 59 -1.51 0.81 -19.31
N ARG A 60 -1.00 1.54 -20.31
CA ARG A 60 0.05 2.54 -20.08
C ARG A 60 -0.47 3.86 -19.51
N THR A 61 -1.74 4.18 -19.77
CA THR A 61 -2.28 5.51 -19.46
C THR A 61 -3.45 5.53 -18.47
N GLU A 62 -4.22 4.44 -18.38
CA GLU A 62 -5.43 4.43 -17.53
C GLU A 62 -5.21 3.87 -16.12
N LYS A 63 -6.17 4.13 -15.25
CA LYS A 63 -6.13 3.67 -13.85
C LYS A 63 -7.46 3.04 -13.45
N GLY A 64 -7.43 2.33 -12.34
CA GLY A 64 -8.65 1.81 -11.72
C GLY A 64 -9.28 0.65 -12.48
N PRO A 65 -10.61 0.48 -12.34
CA PRO A 65 -11.32 -0.67 -12.94
C PRO A 65 -11.05 -0.83 -14.45
N ILE A 66 -10.96 0.25 -15.22
CA ILE A 66 -10.73 0.14 -16.67
C ILE A 66 -9.31 -0.38 -16.97
N PHE A 67 -8.33 0.12 -16.22
CA PHE A 67 -6.98 -0.44 -16.31
C PHE A 67 -7.01 -1.96 -16.06
N ASN A 68 -7.70 -2.40 -15.01
CA ASN A 68 -7.69 -3.81 -14.64
C ASN A 68 -8.20 -4.68 -15.79
N LEU A 69 -9.24 -4.19 -16.47
CA LEU A 69 -9.83 -4.89 -17.62
C LEU A 69 -8.85 -5.04 -18.77
N ALA A 70 -8.26 -3.94 -19.24
CA ALA A 70 -7.27 -4.02 -20.31
C ALA A 70 -6.03 -4.84 -19.92
N ALA A 71 -5.52 -4.61 -18.71
CA ALA A 71 -4.37 -5.35 -18.19
C ALA A 71 -4.62 -6.86 -18.17
N GLN A 72 -5.77 -7.27 -17.63
CA GLN A 72 -6.14 -8.69 -17.65
C GLN A 72 -6.31 -9.25 -19.05
N ILE A 73 -6.84 -8.44 -19.98
CA ILE A 73 -6.90 -8.86 -21.37
C ILE A 73 -5.52 -9.19 -21.97
N PHE A 74 -4.59 -8.26 -21.82
CA PHE A 74 -3.22 -8.46 -22.31
C PHE A 74 -2.55 -9.64 -21.59
N ASN A 75 -2.69 -9.70 -20.26
CA ASN A 75 -2.05 -10.75 -19.45
C ASN A 75 -2.51 -12.14 -19.89
N HIS A 76 -3.82 -12.31 -20.12
CA HIS A 76 -4.36 -13.60 -20.57
C HIS A 76 -3.96 -13.96 -21.96
N ASN A 77 -3.94 -12.97 -22.86
CA ASN A 77 -3.44 -13.19 -24.22
C ASN A 77 -2.01 -13.73 -24.15
N PHE A 78 -1.19 -13.06 -23.35
CA PHE A 78 0.21 -13.41 -23.23
C PHE A 78 0.39 -14.80 -22.57
N TYR A 79 -0.43 -15.07 -21.56
CA TYR A 79 -0.51 -16.38 -20.91
C TYR A 79 -0.78 -17.57 -21.87
N TRP A 80 -1.82 -17.48 -22.71
CA TRP A 80 -2.12 -18.54 -23.66
C TRP A 80 -0.96 -18.75 -24.63
N GLU A 81 -0.34 -17.66 -25.10
CA GLU A 81 0.83 -17.75 -25.96
C GLU A 81 2.08 -18.31 -25.28
N SER A 82 2.13 -18.19 -23.95
CA SER A 82 3.22 -18.71 -23.11
C SER A 82 3.16 -20.23 -22.91
N MET A 83 2.12 -20.85 -23.50
CA MET A 83 1.92 -22.30 -23.41
C MET A 83 1.66 -22.90 -24.77
N SER A 84 1.98 -24.19 -24.91
CA SER A 84 1.82 -24.90 -26.17
C SER A 84 1.69 -26.39 -25.90
N PRO A 85 0.92 -27.10 -26.75
CA PRO A 85 0.90 -28.56 -26.65
C PRO A 85 2.27 -29.17 -26.95
N ASN A 86 3.12 -28.40 -27.63
CA ASN A 86 4.48 -28.82 -27.92
C ASN A 86 5.56 -28.10 -27.11
N GLY A 87 5.13 -27.59 -25.96
CA GLY A 87 5.97 -26.84 -25.02
C GLY A 87 6.69 -27.77 -24.08
N GLY A 88 7.34 -27.17 -23.08
CA GLY A 88 8.07 -27.92 -22.08
C GLY A 88 9.57 -28.00 -22.35
N GLY A 89 10.27 -28.76 -21.50
CA GLY A 89 11.73 -28.90 -21.64
C GLY A 89 12.44 -27.58 -21.44
N GLU A 90 13.61 -27.43 -22.04
CA GLU A 90 14.41 -26.21 -21.91
C GLU A 90 14.50 -25.48 -23.26
N PRO A 91 14.76 -24.15 -23.21
CA PRO A 91 14.96 -23.46 -24.49
C PRO A 91 16.35 -23.71 -25.07
N SER A 92 16.57 -23.26 -26.31
CA SER A 92 17.87 -23.35 -26.95
C SER A 92 18.25 -22.01 -27.58
N GLY A 93 19.41 -21.95 -28.19
CA GLY A 93 19.85 -20.73 -28.88
C GLY A 93 20.00 -19.51 -27.97
N LYS A 94 19.54 -18.38 -28.49
CA LYS A 94 19.75 -17.06 -27.88
C LYS A 94 19.17 -16.91 -26.50
N LEU A 95 17.93 -17.37 -26.35
CA LEU A 95 17.27 -17.31 -25.08
C LEU A 95 17.92 -18.17 -23.99
N ALA A 96 18.39 -19.37 -24.36
CA ALA A 96 18.98 -20.31 -23.43
C ALA A 96 20.28 -19.74 -22.88
N GLU A 97 21.05 -19.10 -23.76
CA GLU A 97 22.28 -18.44 -23.38
C GLU A 97 22.01 -17.23 -22.48
N ALA A 98 20.98 -16.46 -22.82
CA ALA A 98 20.61 -15.28 -22.05
C ALA A 98 20.14 -15.67 -20.63
N ILE A 99 19.43 -16.79 -20.53
CA ILE A 99 18.96 -17.33 -19.25
C ILE A 99 20.19 -17.66 -18.38
N ARG A 100 21.14 -18.38 -18.94
CA ARG A 100 22.41 -18.65 -18.25
C ARG A 100 23.14 -17.38 -17.82
N ALA A 101 23.21 -16.39 -18.72
CA ALA A 101 23.92 -15.13 -18.44
C ALA A 101 23.20 -14.22 -17.42
N SER A 102 21.92 -14.48 -17.17
CA SER A 102 21.13 -13.75 -16.18
C SER A 102 20.93 -14.50 -14.86
N PHE A 103 20.82 -15.82 -14.93
CA PHE A 103 20.49 -16.62 -13.73
C PHE A 103 21.58 -17.59 -13.27
N GLY A 104 22.60 -17.78 -14.11
CA GLY A 104 23.69 -18.72 -13.83
C GLY A 104 23.43 -20.07 -14.48
N SER A 105 22.15 -20.46 -14.56
CA SER A 105 21.77 -21.74 -15.15
C SER A 105 20.28 -21.76 -15.40
N PHE A 106 19.81 -22.69 -16.24
CA PHE A 106 18.37 -22.90 -16.42
C PHE A 106 17.72 -23.37 -15.13
N ALA A 107 18.38 -24.30 -14.43
CA ALA A 107 17.87 -24.83 -13.17
C ALA A 107 17.61 -23.71 -12.17
N LYS A 108 18.53 -22.75 -12.07
CA LYS A 108 18.35 -21.63 -11.13
C LYS A 108 17.16 -20.74 -11.50
N PHE A 109 17.03 -20.43 -12.79
CA PHE A 109 15.86 -19.69 -13.28
C PHE A 109 14.57 -20.44 -12.95
N LYS A 110 14.56 -21.74 -13.25
CA LYS A 110 13.39 -22.56 -13.04
C LYS A 110 13.00 -22.56 -11.54
N GLU A 111 14.01 -22.62 -10.67
CA GLU A 111 13.82 -22.55 -9.21
C GLU A 111 13.19 -21.22 -8.79
N GLU A 112 13.80 -20.11 -9.21
CA GLU A 112 13.29 -18.78 -8.91
C GLU A 112 11.86 -18.55 -9.45
N PHE A 113 11.58 -19.00 -10.67
CA PHE A 113 10.26 -18.80 -11.29
C PHE A 113 9.22 -19.66 -10.55
N THR A 114 9.56 -20.92 -10.31
CA THR A 114 8.67 -21.79 -9.52
C THR A 114 8.38 -21.16 -8.16
N ASN A 115 9.41 -20.64 -7.50
CA ASN A 115 9.27 -20.09 -6.14
C ASN A 115 8.34 -18.88 -6.16
N ALA A 116 8.46 -18.07 -7.23
CA ALA A 116 7.60 -16.89 -7.42
C ALA A 116 6.14 -17.27 -7.70
N ALA A 117 5.93 -18.24 -8.60
CA ALA A 117 4.59 -18.67 -8.99
C ALA A 117 3.86 -19.39 -7.82
N VAL A 118 4.57 -20.23 -7.10
CA VAL A 118 4.00 -21.02 -6.00
C VAL A 118 3.83 -20.13 -4.79
N GLY A 119 4.77 -19.22 -4.61
CA GLY A 119 4.72 -18.37 -3.42
C GLY A 119 3.80 -17.18 -3.50
N HIS A 120 3.33 -16.79 -4.69
CA HIS A 120 2.54 -15.56 -4.79
C HIS A 120 1.29 -15.64 -3.92
N PHE A 121 1.07 -14.66 -3.03
CA PHE A 121 -0.08 -14.68 -2.13
C PHE A 121 -1.27 -13.92 -2.76
N GLY A 122 -2.44 -14.55 -2.74
CA GLY A 122 -3.63 -14.01 -3.42
C GLY A 122 -3.49 -14.11 -4.93
N SER A 123 -4.22 -13.24 -5.63
CA SER A 123 -4.34 -13.29 -7.08
C SER A 123 -3.16 -12.57 -7.73
N GLY A 124 -2.53 -13.23 -8.69
CA GLY A 124 -1.44 -12.59 -9.48
C GLY A 124 -0.82 -13.40 -10.60
N TRP A 125 0.41 -13.03 -11.00
CA TRP A 125 1.03 -13.47 -12.23
C TRP A 125 2.54 -13.60 -11.98
N ALA A 126 3.14 -14.68 -12.45
CA ALA A 126 4.60 -14.82 -12.43
C ALA A 126 5.11 -14.59 -13.83
N TRP A 127 6.14 -13.76 -13.95
CA TRP A 127 6.67 -13.40 -15.25
C TRP A 127 8.16 -13.71 -15.37
N LEU A 128 8.57 -14.00 -16.61
CA LEU A 128 9.93 -13.78 -17.02
C LEU A 128 9.87 -12.47 -17.82
N VAL A 129 10.72 -11.51 -17.48
CA VAL A 129 10.80 -10.25 -18.22
C VAL A 129 12.24 -9.92 -18.52
N GLN A 130 12.44 -9.05 -19.52
CA GLN A 130 13.74 -8.52 -19.80
C GLN A 130 13.75 -7.03 -19.49
N ASP A 131 14.77 -6.59 -18.74
CA ASP A 131 15.13 -5.18 -18.68
C ASP A 131 15.73 -4.69 -20.03
N THR A 132 15.06 -3.76 -20.68
CA THR A 132 15.42 -3.34 -22.01
C THR A 132 16.63 -2.39 -22.05
N THR A 133 17.03 -1.88 -20.88
CA THR A 133 18.23 -1.04 -20.74
C THR A 133 19.48 -1.92 -20.53
N THR A 134 19.46 -2.75 -19.49
CA THR A 134 20.59 -3.61 -19.14
C THR A 134 20.63 -4.91 -19.96
N LYS A 135 19.46 -5.29 -20.50
CA LYS A 135 19.30 -6.52 -21.27
C LYS A 135 19.24 -7.79 -20.39
N LYS A 136 19.36 -7.60 -19.07
CA LYS A 136 19.20 -8.72 -18.12
C LYS A 136 17.78 -9.25 -18.06
N LEU A 137 17.66 -10.57 -17.95
CA LEU A 137 16.37 -11.21 -17.70
C LEU A 137 16.18 -11.33 -16.18
N LYS A 138 14.93 -11.20 -15.76
CA LYS A 138 14.59 -11.39 -14.35
C LYS A 138 13.23 -12.05 -14.18
N VAL A 139 13.04 -12.73 -13.05
CA VAL A 139 11.70 -13.16 -12.63
C VAL A 139 11.01 -11.97 -11.94
N PHE A 140 9.73 -11.78 -12.23
CA PHE A 140 9.03 -10.57 -11.83
C PHE A 140 7.59 -10.97 -11.56
N GLN A 141 7.06 -10.56 -10.41
CA GLN A 141 5.65 -10.85 -10.10
C GLN A 141 4.78 -9.60 -10.27
N THR A 142 3.53 -9.80 -10.69
CA THR A 142 2.53 -8.77 -10.50
C THR A 142 1.35 -9.35 -9.70
N HIS A 143 0.64 -8.47 -9.02
CA HIS A 143 -0.46 -8.85 -8.15
C HIS A 143 -1.75 -8.37 -8.82
N ASP A 144 -2.82 -9.15 -8.65
CA ASP A 144 -4.14 -8.85 -9.28
C ASP A 144 -4.03 -8.67 -10.80
N ALA A 145 -4.25 -7.45 -11.31
CA ALA A 145 -4.15 -7.23 -12.77
C ALA A 145 -2.88 -6.49 -13.16
N GLY A 146 -1.91 -6.40 -12.24
CA GLY A 146 -0.64 -5.72 -12.53
C GLY A 146 0.01 -6.25 -13.79
N CYS A 147 0.66 -5.37 -14.53
CA CYS A 147 1.22 -5.72 -15.83
C CYS A 147 2.59 -5.04 -15.97
N PRO A 148 3.63 -5.81 -16.38
CA PRO A 148 4.99 -5.23 -16.51
C PRO A 148 5.09 -4.04 -17.49
N LEU A 149 4.09 -3.88 -18.38
CA LEU A 149 4.05 -2.75 -19.32
C LEU A 149 3.93 -1.37 -18.65
N THR A 150 3.51 -1.33 -17.39
CA THR A 150 3.44 -0.05 -16.63
C THR A 150 4.83 0.38 -16.11
N GLU A 151 5.81 -0.52 -16.19
CA GLU A 151 7.20 -0.23 -15.84
C GLU A 151 7.89 0.13 -17.15
N ALA A 152 8.61 1.24 -17.19
CA ALA A 152 9.20 1.75 -18.46
C ALA A 152 10.05 0.74 -19.29
N ASP A 153 10.83 -0.07 -18.58
CA ASP A 153 11.96 -0.76 -19.18
C ASP A 153 11.82 -2.26 -19.09
N LEU A 154 10.59 -2.75 -18.92
CA LEU A 154 10.31 -4.18 -18.84
C LEU A 154 9.55 -4.73 -20.03
N LYS A 155 10.10 -5.78 -20.62
CA LYS A 155 9.52 -6.43 -21.79
C LYS A 155 9.17 -7.85 -21.35
N PRO A 156 7.87 -8.19 -21.38
CA PRO A 156 7.50 -9.52 -20.96
C PRO A 156 7.95 -10.57 -21.97
N ILE A 157 8.33 -11.74 -21.44
CA ILE A 157 8.85 -12.86 -22.23
C ILE A 157 7.88 -14.02 -22.05
N LEU A 158 7.55 -14.33 -20.80
CA LEU A 158 6.62 -15.42 -20.48
C LEU A 158 5.77 -15.04 -19.27
N THR A 159 4.56 -15.61 -19.18
CA THR A 159 3.79 -15.49 -17.93
C THR A 159 3.03 -16.77 -17.58
N CYS A 160 2.92 -17.01 -16.28
CA CYS A 160 2.00 -18.02 -15.74
C CYS A 160 0.96 -17.34 -14.81
N ASP A 161 -0.32 -17.48 -15.18
CA ASP A 161 -1.46 -17.00 -14.37
C ASP A 161 -1.52 -17.84 -13.10
N VAL A 162 -1.52 -17.18 -11.94
CA VAL A 162 -1.70 -17.93 -10.66
C VAL A 162 -2.92 -17.46 -9.84
N TRP A 163 -3.82 -16.69 -10.46
CA TRP A 163 -5.17 -16.58 -9.92
C TRP A 163 -5.73 -18.00 -9.79
N GLU A 164 -6.51 -18.24 -8.74
CA GLU A 164 -7.04 -19.54 -8.45
C GLU A 164 -7.87 -20.13 -9.59
N HIS A 165 -8.60 -19.27 -10.33
CA HIS A 165 -9.41 -19.74 -11.46
C HIS A 165 -8.60 -20.35 -12.61
N ALA A 166 -7.31 -20.04 -12.69
CA ALA A 166 -6.43 -20.61 -13.69
C ALA A 166 -6.26 -22.12 -13.50
N TYR A 167 -6.38 -22.59 -12.26
CA TYR A 167 -5.99 -23.98 -11.97
C TYR A 167 -6.99 -24.73 -11.11
N TYR A 168 -8.03 -24.04 -10.61
CA TYR A 168 -8.90 -24.66 -9.59
C TYR A 168 -9.69 -25.89 -10.08
N ILE A 169 -10.11 -25.86 -11.34
CA ILE A 169 -10.88 -26.97 -11.93
C ILE A 169 -10.03 -28.25 -12.02
N ASP A 170 -8.79 -28.12 -12.48
CA ASP A 170 -7.91 -29.30 -12.66
C ASP A 170 -7.12 -29.68 -11.38
N TYR A 171 -6.79 -28.68 -10.56
CA TYR A 171 -5.81 -28.86 -9.46
C TYR A 171 -6.32 -28.51 -8.07
N LYS A 172 -7.53 -27.95 -8.02
CA LYS A 172 -8.07 -27.33 -6.82
C LYS A 172 -7.00 -26.48 -6.15
N ASN A 173 -6.76 -26.72 -4.87
CA ASN A 173 -5.80 -26.01 -4.06
C ASN A 173 -4.32 -26.23 -4.44
N ASP A 174 -4.05 -27.26 -5.26
CA ASP A 174 -2.67 -27.72 -5.52
C ASP A 174 -1.97 -26.92 -6.63
N ARG A 175 -1.63 -25.68 -6.30
CA ARG A 175 -0.93 -24.80 -7.23
C ARG A 175 0.49 -25.30 -7.56
N PRO A 176 1.21 -25.91 -6.58
CA PRO A 176 2.49 -26.53 -6.97
C PRO A 176 2.39 -27.53 -8.16
N ALA A 177 1.38 -28.41 -8.17
CA ALA A 177 1.19 -29.37 -9.26
C ALA A 177 0.81 -28.65 -10.56
N TYR A 178 0.03 -27.56 -10.44
CA TYR A 178 -0.29 -26.72 -11.60
C TYR A 178 1.00 -26.13 -12.20
N VAL A 179 1.86 -25.59 -11.32
CA VAL A 179 3.11 -24.98 -11.80
C VAL A 179 4.04 -26.00 -12.47
N GLN A 180 4.06 -27.22 -11.93
CA GLN A 180 4.79 -28.32 -12.57
C GLN A 180 4.23 -28.63 -13.97
N THR A 181 2.90 -28.64 -14.09
CA THR A 181 2.25 -28.70 -15.41
C THR A 181 2.63 -27.52 -16.33
N PHE A 182 2.70 -26.30 -15.78
CA PHE A 182 3.18 -25.14 -16.57
C PHE A 182 4.55 -25.39 -17.21
N TRP A 183 5.46 -26.00 -16.46
CA TRP A 183 6.79 -26.39 -17.00
C TRP A 183 6.73 -27.41 -18.13
N ASN A 184 5.64 -28.17 -18.20
CA ASN A 184 5.47 -29.15 -19.30
C ASN A 184 4.85 -28.53 -20.54
N VAL A 185 4.31 -27.32 -20.44
CA VAL A 185 3.64 -26.66 -21.58
C VAL A 185 4.31 -25.34 -21.96
N VAL A 186 5.26 -24.89 -21.15
CA VAL A 186 5.92 -23.60 -21.40
C VAL A 186 6.41 -23.51 -22.87
N ASN A 187 6.03 -22.43 -23.54
CA ASN A 187 6.27 -22.23 -24.97
C ASN A 187 7.54 -21.40 -25.21
N TRP A 188 8.67 -22.10 -25.45
CA TRP A 188 9.95 -21.44 -25.71
C TRP A 188 10.05 -20.75 -27.08
N ASP A 189 9.24 -21.20 -28.05
CA ASP A 189 9.12 -20.53 -29.37
C ASP A 189 8.64 -19.08 -29.18
N HIS A 190 7.55 -18.92 -28.43
CA HIS A 190 6.98 -17.60 -28.08
C HIS A 190 7.96 -16.77 -27.26
N ALA A 191 8.56 -17.39 -26.24
CA ALA A 191 9.52 -16.72 -25.38
C ALA A 191 10.73 -16.18 -26.18
N GLU A 192 11.28 -17.03 -27.05
CA GLU A 192 12.40 -16.65 -27.93
C GLU A 192 12.08 -15.47 -28.86
N ASN A 193 10.92 -15.52 -29.48
CA ASN A 193 10.44 -14.42 -30.32
C ASN A 193 10.23 -13.10 -29.52
N GLN A 194 9.68 -13.20 -28.32
CA GLN A 194 9.57 -12.03 -27.42
C GLN A 194 10.95 -11.45 -27.10
N PHE A 195 11.88 -12.33 -26.74
CA PHE A 195 13.24 -11.95 -26.38
C PHE A 195 13.98 -11.23 -27.52
N THR A 196 13.83 -11.76 -28.74
CA THR A 196 14.50 -11.32 -29.96
C THR A 196 13.94 -9.99 -30.54
N ARG A 197 12.62 -9.80 -30.38
CA ARG A 197 11.92 -8.48 -30.37
C ARG A 197 10.41 -8.62 -30.41
N MET B 1 2.59 -28.18 19.93
CA MET B 1 2.29 -27.71 18.53
C MET B 1 1.13 -26.72 18.43
N ALA B 2 1.50 -25.54 17.98
CA ALA B 2 1.17 -24.32 18.73
C ALA B 2 -0.23 -23.81 18.46
N PHE B 3 -0.65 -23.91 17.20
CA PHE B 3 -1.94 -23.36 16.77
C PHE B 3 -2.86 -24.45 16.28
N SER B 4 -4.14 -24.21 16.48
CA SER B 4 -5.19 -25.09 15.98
C SER B 4 -6.37 -24.22 15.60
N ILE B 5 -7.35 -24.84 14.95
CA ILE B 5 -8.59 -24.15 14.61
C ILE B 5 -9.77 -24.97 15.09
N PRO B 6 -10.90 -24.30 15.40
CA PRO B 6 -12.10 -25.02 15.81
C PRO B 6 -12.59 -25.88 14.63
N PRO B 7 -13.27 -26.99 14.96
CA PRO B 7 -13.93 -27.70 13.87
C PRO B 7 -15.00 -26.82 13.20
N LEU B 8 -15.42 -27.19 12.00
CA LEU B 8 -16.58 -26.52 11.35
C LEU B 8 -17.75 -26.55 12.35
N PRO B 9 -18.48 -25.43 12.48
CA PRO B 9 -19.58 -25.43 13.46
C PRO B 9 -20.68 -26.45 13.15
N TRP B 10 -20.87 -26.79 11.88
CA TRP B 10 -22.00 -27.57 11.41
C TRP B 10 -21.60 -28.75 10.51
N GLY B 11 -20.31 -29.09 10.50
CA GLY B 11 -19.85 -30.33 9.84
C GLY B 11 -19.57 -30.12 8.36
N TYR B 12 -18.82 -31.04 7.74
CA TYR B 12 -18.43 -30.87 6.33
C TYR B 12 -19.60 -30.74 5.36
N ASP B 13 -20.68 -31.47 5.61
CA ASP B 13 -21.84 -31.43 4.73
C ASP B 13 -22.96 -30.52 5.25
N GLY B 14 -22.66 -29.71 6.25
CA GLY B 14 -23.68 -28.91 6.94
C GLY B 14 -24.49 -27.94 6.10
N LEU B 15 -23.88 -27.43 5.03
CA LEU B 15 -24.52 -26.41 4.19
C LEU B 15 -24.95 -26.95 2.83
N ALA B 16 -24.85 -28.27 2.65
CA ALA B 16 -25.08 -28.92 1.35
C ALA B 16 -26.53 -28.74 0.89
N ALA B 17 -27.48 -28.95 1.79
CA ALA B 17 -28.87 -28.58 1.52
C ALA B 17 -29.18 -27.10 1.24
N LYS B 18 -28.25 -26.16 1.50
CA LYS B 18 -28.48 -24.74 1.18
C LYS B 18 -27.48 -24.11 0.22
N GLY B 19 -26.72 -24.94 -0.48
CA GLY B 19 -25.97 -24.47 -1.63
C GLY B 19 -24.46 -24.42 -1.52
N ILE B 20 -23.89 -24.96 -0.44
CA ILE B 20 -22.44 -25.13 -0.38
C ILE B 20 -22.12 -26.57 -0.07
N SER B 21 -21.54 -27.25 -1.06
CA SER B 21 -21.42 -28.71 -0.99
C SER B 21 -20.35 -29.18 0.01
N LYS B 22 -20.49 -30.45 0.42
CA LYS B 22 -19.46 -31.13 1.19
C LYS B 22 -18.09 -31.01 0.56
N GLU B 23 -18.00 -31.26 -0.74
CA GLU B 23 -16.73 -31.10 -1.48
C GLU B 23 -16.11 -29.71 -1.37
N GLN B 24 -16.91 -28.68 -1.63
CA GLN B 24 -16.49 -27.29 -1.52
C GLN B 24 -16.01 -26.90 -0.10
N VAL B 25 -16.75 -27.34 0.90
CA VAL B 25 -16.37 -27.10 2.30
C VAL B 25 -15.10 -27.90 2.68
N THR B 26 -15.02 -29.15 2.21
CA THR B 26 -13.88 -30.02 2.49
C THR B 26 -12.57 -29.43 1.96
N PHE B 27 -12.53 -29.02 0.70
CA PHE B 27 -11.31 -28.39 0.18
C PHE B 27 -11.02 -27.09 0.90
N HIS B 28 -12.04 -26.27 1.11
CA HIS B 28 -11.83 -24.97 1.74
C HIS B 28 -11.21 -25.08 3.15
N TYR B 29 -11.80 -25.97 3.93
CA TYR B 29 -11.42 -26.20 5.31
C TYR B 29 -10.15 -27.06 5.44
N ASP B 30 -10.17 -28.26 4.85
CA ASP B 30 -9.06 -29.20 4.97
C ASP B 30 -7.78 -28.73 4.26
N LYS B 31 -7.93 -28.08 3.13
CA LYS B 31 -6.76 -27.65 2.36
C LYS B 31 -6.39 -26.20 2.67
N HIS B 32 -7.28 -25.26 2.38
CA HIS B 32 -6.90 -23.85 2.53
C HIS B 32 -6.78 -23.38 3.97
N HIS B 33 -7.85 -23.57 4.74
CA HIS B 33 -7.91 -23.10 6.14
C HIS B 33 -6.82 -23.77 7.00
N MET B 34 -6.82 -25.10 7.01
CA MET B 34 -5.85 -25.89 7.73
C MET B 34 -4.42 -25.71 7.18
N GLY B 35 -4.29 -25.51 5.86
CA GLY B 35 -2.99 -25.15 5.27
C GLY B 35 -2.30 -23.95 5.93
N TYR B 36 -3.07 -22.91 6.26
CA TYR B 36 -2.53 -21.73 6.98
C TYR B 36 -2.01 -22.11 8.35
N VAL B 37 -2.76 -22.94 9.06
CA VAL B 37 -2.39 -23.45 10.36
C VAL B 37 -1.06 -24.22 10.32
N THR B 38 -0.95 -25.12 9.34
CA THR B 38 0.25 -25.90 9.14
C THR B 38 1.46 -24.99 8.92
N LYS B 39 1.30 -23.98 8.06
CA LYS B 39 2.40 -23.04 7.75
C LYS B 39 2.79 -22.16 8.94
N LEU B 40 1.79 -21.77 9.71
CA LEU B 40 2.03 -20.98 10.93
C LEU B 40 2.71 -21.80 12.01
N ASN B 41 2.29 -23.07 12.16
CA ASN B 41 2.97 -24.01 13.06
C ASN B 41 4.45 -24.27 12.72
N ALA B 42 4.77 -24.31 11.42
CA ALA B 42 6.14 -24.43 10.96
C ALA B 42 6.98 -23.19 11.33
N ALA B 43 6.40 -22.01 11.16
CA ALA B 43 7.06 -20.76 11.59
C ALA B 43 7.21 -20.73 13.11
N ALA B 44 6.21 -21.23 13.81
CA ALA B 44 6.22 -21.23 15.28
C ALA B 44 7.21 -22.26 15.89
N ASN B 45 7.50 -23.32 15.12
CA ASN B 45 8.41 -24.40 15.54
C ASN B 45 9.76 -23.92 16.07
N SER B 46 10.32 -22.92 15.40
CA SER B 46 11.65 -22.40 15.67
C SER B 46 11.63 -21.09 16.46
N ASN B 47 10.41 -20.62 16.78
CA ASN B 47 10.19 -19.31 17.39
C ASN B 47 9.24 -19.44 18.59
N PRO B 48 9.76 -19.78 19.79
CA PRO B 48 8.88 -19.95 20.95
C PRO B 48 8.02 -18.74 21.29
N ALA B 49 8.56 -17.53 21.08
CA ALA B 49 7.79 -16.30 21.30
C ALA B 49 6.55 -16.19 20.40
N LEU B 50 6.72 -16.40 19.10
CA LEU B 50 5.57 -16.45 18.19
C LEU B 50 4.57 -17.55 18.58
N ALA B 51 5.08 -18.73 18.93
CA ALA B 51 4.20 -19.87 19.34
C ALA B 51 3.28 -19.52 20.51
N ALA B 52 3.71 -18.58 21.36
CA ALA B 52 2.95 -18.20 22.57
C ALA B 52 1.99 -17.03 22.35
N LYS B 53 1.98 -16.47 21.14
CA LYS B 53 1.06 -15.39 20.78
C LYS B 53 -0.27 -15.94 20.26
N SER B 54 -1.36 -15.30 20.66
CA SER B 54 -2.66 -15.61 20.04
C SER B 54 -2.70 -15.17 18.57
N VAL B 55 -3.58 -15.79 17.80
CA VAL B 55 -3.81 -15.35 16.43
C VAL B 55 -4.20 -13.84 16.36
N GLU B 56 -5.05 -13.38 17.27
CA GLU B 56 -5.42 -11.95 17.27
C GLU B 56 -4.26 -11.03 17.62
N GLU B 57 -3.38 -11.48 18.53
CA GLU B 57 -2.20 -10.72 18.88
C GLU B 57 -1.26 -10.61 17.66
N ILE B 58 -1.12 -11.70 16.91
CA ILE B 58 -0.31 -11.70 15.71
C ILE B 58 -0.87 -10.74 14.67
N ILE B 59 -2.20 -10.76 14.47
CA ILE B 59 -2.88 -9.87 13.51
C ILE B 59 -2.61 -8.40 13.88
N ARG B 60 -2.61 -8.08 15.16
CA ARG B 60 -2.44 -6.70 15.59
C ARG B 60 -0.98 -6.22 15.55
N THR B 61 -0.02 -7.15 15.59
CA THR B 61 1.37 -6.73 15.86
C THR B 61 2.43 -7.17 14.83
N GLU B 62 2.18 -8.26 14.11
CA GLU B 62 3.15 -8.82 13.14
C GLU B 62 2.81 -8.35 11.72
N LYS B 63 3.79 -8.46 10.83
CA LYS B 63 3.74 -7.98 9.43
C LYS B 63 4.23 -9.09 8.48
N GLY B 64 3.90 -8.98 7.20
CA GLY B 64 4.36 -9.93 6.17
C GLY B 64 3.69 -11.30 6.19
N PRO B 65 4.40 -12.35 5.69
CA PRO B 65 3.77 -13.67 5.58
C PRO B 65 3.17 -14.19 6.88
N ILE B 66 3.79 -13.95 8.03
CA ILE B 66 3.26 -14.44 9.31
C ILE B 66 1.91 -13.76 9.64
N PHE B 67 1.83 -12.45 9.41
CA PHE B 67 0.56 -11.76 9.48
C PHE B 67 -0.50 -12.43 8.59
N ASN B 68 -0.17 -12.66 7.31
CA ASN B 68 -1.13 -13.26 6.36
C ASN B 68 -1.72 -14.55 6.87
N LEU B 69 -0.87 -15.41 7.45
CA LEU B 69 -1.25 -16.73 7.99
C LEU B 69 -2.25 -16.56 9.16
N ALA B 70 -1.86 -15.80 10.19
CA ALA B 70 -2.77 -15.55 11.32
C ALA B 70 -4.10 -14.89 10.88
N ALA B 71 -4.01 -13.87 10.02
CA ALA B 71 -5.21 -13.16 9.56
C ALA B 71 -6.14 -14.07 8.80
N GLN B 72 -5.58 -14.92 7.94
CA GLN B 72 -6.41 -15.92 7.21
C GLN B 72 -7.05 -16.92 8.13
N ILE B 73 -6.34 -17.31 9.17
CA ILE B 73 -6.91 -18.19 10.23
C ILE B 73 -8.15 -17.59 10.90
N PHE B 74 -7.99 -16.37 11.40
CA PHE B 74 -9.07 -15.61 12.00
C PHE B 74 -10.25 -15.42 11.01
N ASN B 75 -9.94 -14.92 9.80
CA ASN B 75 -10.93 -14.62 8.79
C ASN B 75 -11.74 -15.87 8.42
N HIS B 76 -11.09 -17.03 8.25
CA HIS B 76 -11.78 -18.27 7.93
C HIS B 76 -12.61 -18.79 9.12
N ASN B 77 -12.04 -18.69 10.32
CA ASN B 77 -12.82 -19.01 11.53
C ASN B 77 -14.12 -18.17 11.58
N PHE B 78 -13.99 -16.89 11.28
CA PHE B 78 -15.11 -15.96 11.36
C PHE B 78 -16.15 -16.24 10.25
N TYR B 79 -15.66 -16.63 9.09
CA TYR B 79 -16.47 -17.00 7.94
C TYR B 79 -17.36 -18.19 8.23
N TRP B 80 -16.84 -19.27 8.81
CA TRP B 80 -17.65 -20.46 9.10
C TRP B 80 -18.72 -20.13 10.12
N GLU B 81 -18.35 -19.31 11.11
CA GLU B 81 -19.32 -18.85 12.09
C GLU B 81 -20.40 -17.92 11.48
N SER B 82 -20.05 -17.27 10.36
CA SER B 82 -20.93 -16.33 9.66
C SER B 82 -22.02 -17.03 8.83
N MET B 83 -21.97 -18.37 8.78
CA MET B 83 -22.93 -19.19 8.06
C MET B 83 -23.51 -20.29 8.94
N SER B 84 -24.67 -20.79 8.53
CA SER B 84 -25.42 -21.77 9.30
C SER B 84 -26.45 -22.48 8.44
N PRO B 85 -26.69 -23.79 8.71
CA PRO B 85 -27.74 -24.50 7.97
C PRO B 85 -29.12 -23.91 8.29
N ASN B 86 -29.16 -23.16 9.38
CA ASN B 86 -30.36 -22.46 9.86
C ASN B 86 -30.31 -20.97 9.65
N GLY B 87 -29.43 -20.51 8.77
CA GLY B 87 -29.24 -19.10 8.53
C GLY B 87 -30.16 -18.62 7.44
N GLY B 88 -29.86 -17.43 6.90
CA GLY B 88 -30.69 -16.80 5.88
C GLY B 88 -31.73 -15.86 6.45
N GLY B 89 -32.60 -15.35 5.60
CA GLY B 89 -33.59 -14.37 5.98
C GLY B 89 -32.96 -13.11 6.56
N GLU B 90 -33.68 -12.51 7.50
CA GLU B 90 -33.34 -11.22 8.06
C GLU B 90 -33.08 -11.32 9.56
N PRO B 91 -32.22 -10.43 10.11
CA PRO B 91 -32.10 -10.43 11.57
C PRO B 91 -33.32 -9.84 12.28
N SER B 92 -33.33 -10.01 13.59
CA SER B 92 -34.36 -9.46 14.45
C SER B 92 -33.70 -8.70 15.60
N GLY B 93 -34.52 -8.10 16.45
CA GLY B 93 -34.06 -7.40 17.65
C GLY B 93 -33.03 -6.30 17.43
N LYS B 94 -32.01 -6.29 18.29
CA LYS B 94 -31.05 -5.17 18.37
C LYS B 94 -30.25 -4.95 17.11
N LEU B 95 -29.79 -6.04 16.50
CA LEU B 95 -29.05 -5.94 15.26
C LEU B 95 -29.88 -5.43 14.08
N ALA B 96 -31.13 -5.92 13.96
CA ALA B 96 -32.04 -5.46 12.90
C ALA B 96 -32.29 -3.95 12.99
N GLU B 97 -32.52 -3.46 14.20
CA GLU B 97 -32.67 -2.02 14.43
C GLU B 97 -31.42 -1.23 14.10
N ALA B 98 -30.26 -1.72 14.53
CA ALA B 98 -28.98 -1.07 14.21
C ALA B 98 -28.66 -1.05 12.71
N ILE B 99 -29.00 -2.13 12.00
CA ILE B 99 -28.88 -2.15 10.55
C ILE B 99 -29.73 -0.99 9.95
N ARG B 100 -30.98 -0.86 10.40
N ARG B 100 -30.99 -0.87 10.39
CA ARG B 100 -31.86 0.21 9.92
CA ARG B 100 -31.85 0.21 9.93
C ARG B 100 -31.29 1.60 10.27
C ARG B 100 -31.25 1.57 10.26
N ALA B 101 -30.72 1.71 11.47
CA ALA B 101 -30.18 2.99 11.97
C ALA B 101 -28.88 3.38 11.27
N SER B 102 -28.20 2.40 10.65
CA SER B 102 -26.95 2.62 9.93
C SER B 102 -27.10 2.70 8.41
N PHE B 103 -27.99 1.88 7.83
CA PHE B 103 -28.17 1.82 6.38
C PHE B 103 -29.51 2.36 5.83
N GLY B 104 -30.46 2.64 6.71
CA GLY B 104 -31.80 3.07 6.31
C GLY B 104 -32.77 1.90 6.22
N SER B 105 -32.27 0.73 5.85
CA SER B 105 -33.10 -0.49 5.78
C SER B 105 -32.23 -1.73 5.62
N PHE B 106 -32.82 -2.90 5.88
CA PHE B 106 -32.13 -4.13 5.59
C PHE B 106 -31.81 -4.26 4.09
N ALA B 107 -32.74 -3.89 3.21
CA ALA B 107 -32.57 -4.01 1.77
C ALA B 107 -31.35 -3.23 1.31
N LYS B 108 -31.18 -2.03 1.85
CA LYS B 108 -30.06 -1.18 1.47
C LYS B 108 -28.72 -1.78 1.92
N PHE B 109 -28.67 -2.21 3.17
CA PHE B 109 -27.55 -3.00 3.69
C PHE B 109 -27.22 -4.20 2.75
N LYS B 110 -28.23 -4.99 2.43
CA LYS B 110 -28.05 -6.16 1.56
C LYS B 110 -27.50 -5.77 0.17
N GLU B 111 -28.02 -4.68 -0.39
CA GLU B 111 -27.52 -4.15 -1.65
C GLU B 111 -26.04 -3.78 -1.55
N GLU B 112 -25.70 -3.03 -0.51
N GLU B 112 -25.69 -3.02 -0.52
CA GLU B 112 -24.34 -2.56 -0.33
CA GLU B 112 -24.31 -2.56 -0.34
C GLU B 112 -23.34 -3.70 -0.12
C GLU B 112 -23.33 -3.71 -0.13
N PHE B 113 -23.73 -4.68 0.70
CA PHE B 113 -22.90 -5.83 0.99
C PHE B 113 -22.72 -6.70 -0.26
N THR B 114 -23.80 -6.92 -0.99
CA THR B 114 -23.76 -7.69 -2.23
C THR B 114 -22.85 -6.99 -3.23
N ASN B 115 -23.01 -5.68 -3.39
CA ASN B 115 -22.18 -4.92 -4.34
C ASN B 115 -20.69 -5.03 -3.99
N ALA B 116 -20.36 -4.92 -2.71
CA ALA B 116 -19.00 -5.13 -2.18
C ALA B 116 -18.44 -6.52 -2.46
N ALA B 117 -19.21 -7.55 -2.11
CA ALA B 117 -18.82 -8.96 -2.27
C ALA B 117 -18.60 -9.32 -3.75
N VAL B 118 -19.55 -8.91 -4.59
CA VAL B 118 -19.54 -9.24 -6.01
C VAL B 118 -18.45 -8.43 -6.72
N GLY B 119 -18.34 -7.15 -6.34
CA GLY B 119 -17.44 -6.23 -7.00
C GLY B 119 -15.99 -6.32 -6.60
N HIS B 120 -15.66 -7.02 -5.50
CA HIS B 120 -14.26 -7.09 -5.03
C HIS B 120 -13.35 -7.74 -6.10
N PHE B 121 -12.32 -7.01 -6.53
CA PHE B 121 -11.41 -7.48 -7.58
C PHE B 121 -10.21 -8.23 -6.99
N GLY B 122 -9.97 -9.44 -7.52
CA GLY B 122 -8.95 -10.31 -6.96
C GLY B 122 -9.47 -10.98 -5.69
N SER B 123 -8.53 -11.37 -4.82
CA SER B 123 -8.81 -12.11 -3.60
C SER B 123 -9.16 -11.16 -2.45
N GLY B 124 -10.25 -11.42 -1.74
CA GLY B 124 -10.53 -10.68 -0.53
C GLY B 124 -11.77 -11.11 0.24
N TRP B 125 -12.33 -10.17 0.99
CA TRP B 125 -13.37 -10.45 2.01
C TRP B 125 -14.35 -9.29 2.06
N ALA B 126 -15.65 -9.60 2.13
CA ALA B 126 -16.65 -8.57 2.42
C ALA B 126 -17.08 -8.72 3.87
N TRP B 127 -17.14 -7.60 4.58
CA TRP B 127 -17.47 -7.63 6.00
C TRP B 127 -18.60 -6.69 6.29
N LEU B 128 -19.39 -7.04 7.31
CA LEU B 128 -20.14 -6.06 8.09
C LEU B 128 -19.32 -5.85 9.35
N VAL B 129 -19.00 -4.58 9.65
CA VAL B 129 -18.23 -4.21 10.84
C VAL B 129 -18.99 -3.14 11.59
N GLN B 130 -18.67 -3.01 12.87
CA GLN B 130 -19.16 -1.89 13.65
C GLN B 130 -18.00 -1.01 14.06
N ASP B 131 -18.20 0.30 13.93
CA ASP B 131 -17.27 1.27 14.48
C ASP B 131 -17.57 1.37 15.98
N THR B 132 -16.61 1.03 16.84
CA THR B 132 -16.88 0.95 18.28
C THR B 132 -16.89 2.31 18.97
N THR B 133 -16.47 3.36 18.26
CA THR B 133 -16.58 4.73 18.77
C THR B 133 -17.98 5.33 18.52
N THR B 134 -18.38 5.30 17.25
CA THR B 134 -19.62 5.91 16.82
C THR B 134 -20.79 4.96 16.99
N LYS B 135 -20.48 3.66 17.06
CA LYS B 135 -21.47 2.58 17.14
C LYS B 135 -22.12 2.25 15.80
N LYS B 136 -21.70 2.95 14.74
CA LYS B 136 -22.32 2.75 13.44
C LYS B 136 -21.83 1.48 12.77
N LEU B 137 -22.72 0.83 12.02
CA LEU B 137 -22.40 -0.32 11.19
C LEU B 137 -22.02 0.15 9.77
N LYS B 138 -21.04 -0.52 9.18
CA LYS B 138 -20.60 -0.25 7.79
C LYS B 138 -20.26 -1.55 7.06
N VAL B 139 -20.41 -1.55 5.74
CA VAL B 139 -19.84 -2.60 4.87
C VAL B 139 -18.40 -2.17 4.64
N PHE B 140 -17.49 -3.14 4.73
CA PHE B 140 -16.04 -2.88 4.73
C PHE B 140 -15.38 -4.04 4.00
N GLN B 141 -14.48 -3.74 3.07
CA GLN B 141 -13.82 -4.81 2.31
C GLN B 141 -12.36 -4.91 2.79
N THR B 142 -11.84 -6.13 2.80
CA THR B 142 -10.39 -6.31 2.92
C THR B 142 -9.89 -7.10 1.70
N HIS B 143 -8.63 -6.87 1.33
CA HIS B 143 -8.05 -7.50 0.15
C HIS B 143 -7.04 -8.52 0.67
N ASP B 144 -6.94 -9.66 -0.01
CA ASP B 144 -6.02 -10.74 0.35
C ASP B 144 -6.29 -11.27 1.76
N ALA B 145 -5.35 -11.08 2.67
CA ALA B 145 -5.52 -11.52 4.06
C ALA B 145 -5.92 -10.37 4.99
N GLY B 146 -6.25 -9.19 4.43
CA GLY B 146 -6.54 -8.01 5.27
C GLY B 146 -7.63 -8.35 6.29
N CYS B 147 -7.54 -7.74 7.46
CA CYS B 147 -8.43 -8.10 8.57
C CYS B 147 -8.79 -6.80 9.28
N PRO B 148 -10.09 -6.56 9.53
CA PRO B 148 -10.51 -5.32 10.20
C PRO B 148 -9.86 -5.07 11.60
N LEU B 149 -9.32 -6.12 12.23
CA LEU B 149 -8.66 -6.02 13.52
C LEU B 149 -7.39 -5.13 13.48
N THR B 150 -6.85 -4.87 12.29
CA THR B 150 -5.71 -3.96 12.14
C THR B 150 -6.13 -2.49 12.27
N GLU B 151 -7.42 -2.23 12.23
CA GLU B 151 -7.86 -0.87 12.48
CA GLU B 151 -8.00 -0.89 12.45
C GLU B 151 -8.47 -0.82 13.89
N ALA B 152 -8.09 0.24 14.61
CA ALA B 152 -8.38 0.33 16.05
C ALA B 152 -9.82 0.12 16.46
N ASP B 153 -10.75 0.67 15.69
CA ASP B 153 -12.10 0.80 16.20
C ASP B 153 -13.10 0.02 15.41
N LEU B 154 -12.66 -1.05 14.77
CA LEU B 154 -13.57 -1.87 13.99
C LEU B 154 -13.76 -3.25 14.60
N LYS B 155 -15.02 -3.59 14.84
CA LYS B 155 -15.39 -4.90 15.36
C LYS B 155 -16.12 -5.67 14.25
N PRO B 156 -15.58 -6.84 13.82
CA PRO B 156 -16.31 -7.58 12.81
C PRO B 156 -17.62 -8.20 13.33
N ILE B 157 -18.62 -8.22 12.44
CA ILE B 157 -19.94 -8.75 12.76
C ILE B 157 -20.18 -10.00 11.89
N LEU B 158 -19.87 -9.89 10.59
CA LEU B 158 -19.93 -11.02 9.68
C LEU B 158 -18.98 -10.88 8.50
N THR B 159 -18.63 -12.00 7.89
CA THR B 159 -17.80 -11.96 6.70
C THR B 159 -18.21 -13.01 5.66
N CYS B 160 -18.03 -12.65 4.40
CA CYS B 160 -18.12 -13.57 3.28
C CYS B 160 -16.76 -13.58 2.55
N ASP B 161 -16.12 -14.74 2.52
CA ASP B 161 -14.92 -15.02 1.75
C ASP B 161 -15.22 -14.91 0.25
N VAL B 162 -14.48 -14.07 -0.46
CA VAL B 162 -14.64 -13.97 -1.93
C VAL B 162 -13.34 -14.29 -2.73
N TRP B 163 -12.36 -14.86 -2.03
CA TRP B 163 -11.32 -15.62 -2.70
C TRP B 163 -12.00 -16.67 -3.61
N GLU B 164 -11.49 -16.84 -4.82
CA GLU B 164 -12.03 -17.83 -5.77
C GLU B 164 -12.17 -19.25 -5.20
N HIS B 165 -11.20 -19.69 -4.39
CA HIS B 165 -11.33 -21.03 -3.76
C HIS B 165 -12.58 -21.25 -2.86
N ALA B 166 -13.17 -20.17 -2.35
CA ALA B 166 -14.36 -20.25 -1.52
C ALA B 166 -15.60 -20.76 -2.28
N TYR B 167 -15.65 -20.51 -3.59
CA TYR B 167 -16.83 -20.81 -4.40
C TYR B 167 -16.57 -21.55 -5.70
N TYR B 168 -15.30 -21.75 -6.06
CA TYR B 168 -14.99 -22.24 -7.42
C TYR B 168 -15.51 -23.65 -7.70
N ILE B 169 -15.47 -24.53 -6.71
CA ILE B 169 -15.97 -25.91 -6.87
C ILE B 169 -17.48 -25.93 -7.20
N ASP B 170 -18.25 -25.18 -6.43
CA ASP B 170 -19.71 -25.16 -6.53
C ASP B 170 -20.26 -24.23 -7.62
N TYR B 171 -19.53 -23.17 -7.92
CA TYR B 171 -20.07 -22.02 -8.66
C TYR B 171 -19.20 -21.59 -9.84
N LYS B 172 -18.01 -22.18 -9.95
CA LYS B 172 -16.96 -21.73 -10.86
C LYS B 172 -16.85 -20.20 -10.81
N ASN B 173 -16.90 -19.56 -11.98
CA ASN B 173 -16.77 -18.09 -12.12
C ASN B 173 -17.93 -17.26 -11.55
N ASP B 174 -19.05 -17.93 -11.22
CA ASP B 174 -20.30 -17.25 -10.91
C ASP B 174 -20.37 -16.84 -9.43
N ARG B 175 -19.58 -15.83 -9.09
CA ARG B 175 -19.57 -15.26 -7.74
C ARG B 175 -20.93 -14.65 -7.35
N PRO B 176 -21.61 -13.94 -8.30
CA PRO B 176 -22.98 -13.50 -7.93
C PRO B 176 -23.87 -14.61 -7.35
N ALA B 177 -23.87 -15.80 -7.95
CA ALA B 177 -24.73 -16.92 -7.50
C ALA B 177 -24.30 -17.39 -6.11
N TYR B 178 -22.99 -17.42 -5.89
CA TYR B 178 -22.39 -17.78 -4.61
C TYR B 178 -22.82 -16.78 -3.51
N VAL B 179 -22.71 -15.49 -3.81
CA VAL B 179 -23.15 -14.42 -2.89
C VAL B 179 -24.66 -14.58 -2.56
N GLN B 180 -25.46 -14.99 -3.53
CA GLN B 180 -26.91 -15.21 -3.28
C GLN B 180 -27.13 -16.39 -2.33
N THR B 181 -26.35 -17.44 -2.51
CA THR B 181 -26.26 -18.54 -1.55
C THR B 181 -25.79 -18.07 -0.15
N PHE B 182 -24.79 -17.22 -0.09
CA PHE B 182 -24.40 -16.63 1.20
C PHE B 182 -25.61 -16.03 1.96
N TRP B 183 -26.45 -15.29 1.26
CA TRP B 183 -27.65 -14.71 1.86
C TRP B 183 -28.65 -15.75 2.39
N ASN B 184 -28.55 -16.97 1.87
CA ASN B 184 -29.39 -18.07 2.35
C ASN B 184 -28.82 -18.82 3.56
N VAL B 185 -27.54 -18.60 3.85
CA VAL B 185 -26.90 -19.27 5.00
C VAL B 185 -26.38 -18.26 6.04
N VAL B 186 -26.53 -16.97 5.80
CA VAL B 186 -25.98 -15.97 6.72
C VAL B 186 -26.50 -16.23 8.13
N ASN B 187 -25.58 -16.23 9.10
CA ASN B 187 -25.92 -16.59 10.50
C ASN B 187 -26.13 -15.35 11.38
N TRP B 188 -27.39 -14.93 11.51
CA TRP B 188 -27.77 -13.78 12.34
C TRP B 188 -27.57 -14.00 13.83
N ASP B 189 -27.58 -15.25 14.26
CA ASP B 189 -27.27 -15.59 15.67
C ASP B 189 -25.82 -15.18 16.02
N HIS B 190 -24.86 -15.54 15.17
CA HIS B 190 -23.44 -15.13 15.31
C HIS B 190 -23.28 -13.62 15.18
N ALA B 191 -23.92 -13.04 14.17
CA ALA B 191 -23.93 -11.60 13.96
C ALA B 191 -24.40 -10.83 15.17
N GLU B 192 -25.56 -11.23 15.73
CA GLU B 192 -26.18 -10.60 16.89
C GLU B 192 -25.26 -10.64 18.11
N ASN B 193 -24.65 -11.79 18.33
CA ASN B 193 -23.71 -11.98 19.42
C ASN B 193 -22.42 -11.18 19.30
N GLN B 194 -21.94 -11.02 18.08
CA GLN B 194 -20.78 -10.18 17.84
C GLN B 194 -21.13 -8.73 18.10
N PHE B 195 -22.32 -8.33 17.66
CA PHE B 195 -22.84 -6.96 17.85
C PHE B 195 -22.99 -6.55 19.32
N THR B 196 -23.60 -7.42 20.12
CA THR B 196 -23.89 -7.12 21.53
C THR B 196 -22.64 -7.20 22.40
N ARG B 197 -21.69 -8.04 22.00
CA ARG B 197 -20.25 -7.92 22.32
C ARG B 197 -19.42 -9.16 22.07
N MET C 1 33.43 5.46 -8.72
CA MET C 1 31.96 5.60 -8.46
C MET C 1 31.45 5.58 -6.99
N ALA C 2 31.14 6.72 -6.35
CA ALA C 2 32.06 7.54 -5.53
C ALA C 2 31.67 6.83 -4.16
N PHE C 3 30.42 6.42 -3.97
CA PHE C 3 29.59 6.59 -2.77
C PHE C 3 28.83 5.25 -2.76
N SER C 4 28.85 4.57 -1.64
CA SER C 4 28.06 3.36 -1.49
C SER C 4 27.64 3.27 -0.04
N ILE C 5 26.74 2.32 0.24
CA ILE C 5 26.24 2.12 1.58
C ILE C 5 26.44 0.65 1.99
N PRO C 6 26.60 0.40 3.30
CA PRO C 6 26.70 -0.97 3.79
C PRO C 6 25.41 -1.70 3.45
N PRO C 7 25.50 -3.03 3.22
CA PRO C 7 24.24 -3.80 3.16
C PRO C 7 23.48 -3.68 4.48
N LEU C 8 22.17 -4.00 4.47
CA LEU C 8 21.42 -4.13 5.72
C LEU C 8 22.17 -5.07 6.65
N PRO C 9 22.25 -4.73 7.95
CA PRO C 9 23.01 -5.56 8.90
C PRO C 9 22.43 -6.98 9.05
N TRP C 10 21.13 -7.12 8.83
CA TRP C 10 20.41 -8.35 9.16
C TRP C 10 19.47 -8.83 8.03
N GLY C 11 19.68 -8.32 6.80
CA GLY C 11 19.01 -8.84 5.59
C GLY C 11 17.66 -8.19 5.38
N TYR C 12 17.11 -8.27 4.16
CA TYR C 12 15.80 -7.61 3.86
C TYR C 12 14.65 -8.07 4.76
N ASP C 13 14.65 -9.35 5.10
CA ASP C 13 13.58 -9.98 5.93
C ASP C 13 13.96 -10.09 7.41
N GLY C 14 15.05 -9.41 7.79
CA GLY C 14 15.64 -9.62 9.13
C GLY C 14 14.76 -9.26 10.31
N LEU C 15 13.84 -8.33 10.11
CA LEU C 15 12.98 -7.80 11.19
C LEU C 15 11.53 -8.27 11.00
N ALA C 16 11.33 -9.22 10.08
CA ALA C 16 9.99 -9.65 9.63
C ALA C 16 9.24 -10.39 10.74
N ALA C 17 9.97 -11.07 11.60
CA ALA C 17 9.39 -11.70 12.78
C ALA C 17 9.26 -10.78 14.00
N LYS C 18 9.67 -9.51 13.85
CA LYS C 18 9.68 -8.48 14.89
C LYS C 18 8.87 -7.21 14.56
N GLY C 19 8.16 -7.22 13.44
CA GLY C 19 7.22 -6.14 13.12
C GLY C 19 7.62 -5.18 12.02
N ILE C 20 8.73 -5.44 11.34
CA ILE C 20 9.05 -4.64 10.13
C ILE C 20 9.24 -5.61 8.96
N SER C 21 8.30 -5.59 8.04
CA SER C 21 8.26 -6.60 7.00
C SER C 21 9.39 -6.46 5.99
N LYS C 22 9.68 -7.56 5.29
CA LYS C 22 10.53 -7.54 4.10
C LYS C 22 10.17 -6.45 3.10
N GLU C 23 8.88 -6.30 2.80
CA GLU C 23 8.43 -5.25 1.90
C GLU C 23 8.74 -3.83 2.37
N GLN C 24 8.45 -3.54 3.63
CA GLN C 24 8.75 -2.26 4.23
C GLN C 24 10.28 -1.93 4.19
N VAL C 25 11.10 -2.89 4.62
CA VAL C 25 12.57 -2.72 4.57
C VAL C 25 13.07 -2.57 3.13
N THR C 26 12.50 -3.37 2.21
CA THR C 26 12.90 -3.35 0.80
C THR C 26 12.66 -2.00 0.13
N PHE C 27 11.44 -1.49 0.22
CA PHE C 27 11.18 -0.12 -0.28
C PHE C 27 12.08 0.93 0.39
N HIS C 28 12.22 0.84 1.69
CA HIS C 28 12.94 1.84 2.46
C HIS C 28 14.43 1.89 2.07
N TYR C 29 15.01 0.70 1.95
CA TYR C 29 16.42 0.54 1.66
C TYR C 29 16.70 0.74 0.14
N ASP C 30 15.99 -0.05 -0.69
CA ASP C 30 16.26 -0.05 -2.12
C ASP C 30 15.81 1.24 -2.81
N LYS C 31 14.71 1.84 -2.34
CA LYS C 31 14.18 3.06 -2.95
C LYS C 31 14.71 4.34 -2.30
N HIS C 32 14.40 4.54 -1.02
CA HIS C 32 14.73 5.80 -0.37
C HIS C 32 16.22 5.90 -0.06
N HIS C 33 16.76 4.95 0.72
CA HIS C 33 18.17 4.97 1.12
C HIS C 33 19.14 4.95 -0.08
N MET C 34 18.98 3.97 -0.97
CA MET C 34 19.81 3.90 -2.17
C MET C 34 19.57 5.04 -3.14
N GLY C 35 18.34 5.53 -3.17
CA GLY C 35 18.00 6.74 -3.89
C GLY C 35 18.92 7.92 -3.59
N TYR C 36 19.25 8.12 -2.32
CA TYR C 36 20.16 9.21 -1.94
C TYR C 36 21.54 8.99 -2.49
N VAL C 37 22.03 7.75 -2.35
CA VAL C 37 23.33 7.35 -2.91
C VAL C 37 23.44 7.66 -4.41
N THR C 38 22.40 7.24 -5.15
CA THR C 38 22.31 7.45 -6.59
C THR C 38 22.41 8.94 -6.93
N LYS C 39 21.66 9.77 -6.20
CA LYS C 39 21.68 11.21 -6.40
C LYS C 39 22.99 11.87 -6.01
N LEU C 40 23.59 11.36 -4.94
CA LEU C 40 24.93 11.82 -4.51
C LEU C 40 26.01 11.50 -5.54
N ASN C 41 26.01 10.25 -6.02
CA ASN C 41 26.90 9.84 -7.10
C ASN C 41 26.80 10.65 -8.39
N ALA C 42 25.58 11.05 -8.76
CA ALA C 42 25.42 11.92 -9.93
C ALA C 42 26.04 13.31 -9.66
N ALA C 43 25.87 13.84 -8.44
CA ALA C 43 26.51 15.11 -8.09
C ALA C 43 28.04 14.98 -8.06
N ALA C 44 28.53 13.83 -7.60
CA ALA C 44 29.96 13.53 -7.50
C ALA C 44 30.64 13.34 -8.87
N ASN C 45 29.89 12.80 -9.83
CA ASN C 45 30.35 12.55 -11.20
C ASN C 45 31.04 13.73 -11.86
N SER C 46 30.53 14.94 -11.61
CA SER C 46 31.09 16.16 -12.22
C SER C 46 32.02 16.94 -11.28
N ASN C 47 32.17 16.45 -10.04
CA ASN C 47 32.89 17.17 -9.00
C ASN C 47 33.86 16.24 -8.28
N PRO C 48 35.09 16.08 -8.82
CA PRO C 48 36.11 15.20 -8.21
C PRO C 48 36.38 15.47 -6.72
N ALA C 49 36.37 16.74 -6.29
CA ALA C 49 36.54 17.11 -4.89
C ALA C 49 35.41 16.57 -3.96
N LEU C 50 34.17 16.76 -4.37
CA LEU C 50 33.05 16.21 -3.64
C LEU C 50 33.15 14.68 -3.54
N ALA C 51 33.48 14.04 -4.67
CA ALA C 51 33.60 12.57 -4.74
C ALA C 51 34.69 12.00 -3.82
N ALA C 52 35.67 12.83 -3.48
CA ALA C 52 36.79 12.43 -2.58
C ALA C 52 36.48 12.65 -1.08
N LYS C 53 35.31 13.23 -0.77
CA LYS C 53 34.91 13.54 0.59
C LYS C 53 34.13 12.38 1.18
N SER C 54 34.34 12.12 2.48
CA SER C 54 33.46 11.17 3.18
C SER C 54 32.05 11.74 3.35
N VAL C 55 31.11 10.85 3.57
CA VAL C 55 29.75 11.23 3.96
C VAL C 55 29.75 12.16 5.19
N GLU C 56 30.53 11.79 6.21
CA GLU C 56 30.63 12.60 7.44
C GLU C 56 31.25 13.98 7.18
N GLU C 57 32.25 14.01 6.31
CA GLU C 57 32.93 15.25 5.91
C GLU C 57 31.91 16.19 5.23
N ILE C 58 31.13 15.63 4.32
CA ILE C 58 30.05 16.36 3.64
C ILE C 58 29.03 16.96 4.63
N ILE C 59 28.55 16.14 5.56
CA ILE C 59 27.65 16.56 6.62
C ILE C 59 28.18 17.74 7.43
N ARG C 60 29.48 17.72 7.73
CA ARG C 60 30.10 18.74 8.58
C ARG C 60 30.37 20.07 7.84
N THR C 61 30.52 19.99 6.52
CA THR C 61 31.05 21.11 5.73
C THR C 61 30.12 21.67 4.61
N GLU C 62 29.24 20.82 4.07
CA GLU C 62 28.39 21.21 2.93
C GLU C 62 27.00 21.64 3.36
N LYS C 63 26.28 22.28 2.43
CA LYS C 63 24.99 22.92 2.66
C LYS C 63 24.03 22.56 1.55
N GLY C 64 22.72 22.75 1.76
CA GLY C 64 21.72 22.59 0.69
C GLY C 64 21.49 21.15 0.25
N PRO C 65 21.03 20.96 -0.99
CA PRO C 65 20.62 19.61 -1.47
C PRO C 65 21.71 18.55 -1.28
N ILE C 66 22.98 18.87 -1.51
CA ILE C 66 23.96 17.79 -1.32
C ILE C 66 24.24 17.42 0.15
N PHE C 67 24.15 18.40 1.06
CA PHE C 67 24.09 18.10 2.50
C PHE C 67 22.95 17.12 2.83
N ASN C 68 21.76 17.38 2.30
CA ASN C 68 20.60 16.56 2.58
C ASN C 68 20.84 15.08 2.20
N LEU C 69 21.48 14.87 1.05
CA LEU C 69 21.83 13.55 0.54
C LEU C 69 22.80 12.78 1.46
N ALA C 70 23.95 13.39 1.76
CA ALA C 70 24.91 12.75 2.66
C ALA C 70 24.33 12.52 4.07
N ALA C 71 23.58 13.51 4.58
CA ALA C 71 22.98 13.41 5.90
C ALA C 71 21.96 12.28 5.99
N GLN C 72 21.06 12.21 5.00
CA GLN C 72 20.12 11.07 4.87
C GLN C 72 20.82 9.72 4.72
N ILE C 73 21.96 9.68 4.03
CA ILE C 73 22.76 8.44 3.94
C ILE C 73 23.28 7.97 5.32
N PHE C 74 23.88 8.89 6.07
CA PHE C 74 24.36 8.59 7.41
C PHE C 74 23.21 8.23 8.36
N ASN C 75 22.16 9.05 8.35
CA ASN C 75 20.99 8.86 9.20
C ASN C 75 20.40 7.46 9.00
N HIS C 76 20.28 7.03 7.75
CA HIS C 76 19.72 5.69 7.43
C HIS C 76 20.65 4.56 7.76
N ASN C 77 21.96 4.74 7.50
CA ASN C 77 22.92 3.75 7.96
C ASN C 77 22.79 3.55 9.48
N PHE C 78 22.71 4.66 10.22
CA PHE C 78 22.68 4.61 11.69
C PHE C 78 21.39 3.98 12.20
N TYR C 79 20.29 4.23 11.49
CA TYR C 79 18.98 3.67 11.74
C TYR C 79 18.96 2.13 11.63
N TRP C 80 19.44 1.58 10.52
CA TRP C 80 19.49 0.10 10.39
C TRP C 80 20.33 -0.55 11.50
N GLU C 81 21.47 0.09 11.83
CA GLU C 81 22.31 -0.39 12.93
C GLU C 81 21.62 -0.25 14.30
N SER C 82 20.70 0.73 14.44
CA SER C 82 19.95 1.00 15.67
C SER C 82 18.88 -0.07 15.95
N MET C 83 18.70 -1.02 15.03
CA MET C 83 17.69 -2.09 15.15
C MET C 83 18.33 -3.46 14.93
N SER C 84 17.67 -4.51 15.41
CA SER C 84 18.22 -5.83 15.44
C SER C 84 17.10 -6.87 15.61
N PRO C 85 17.21 -8.01 14.92
CA PRO C 85 16.28 -9.13 15.14
C PRO C 85 16.35 -9.62 16.60
N ASN C 86 17.46 -9.33 17.28
CA ASN C 86 17.62 -9.69 18.68
C ASN C 86 17.67 -8.49 19.61
N GLY C 87 17.02 -7.42 19.19
CA GLY C 87 16.96 -6.19 19.95
C GLY C 87 15.77 -6.18 20.90
N GLY C 88 15.44 -4.99 21.41
CA GLY C 88 14.35 -4.83 22.36
C GLY C 88 14.78 -4.94 23.81
N GLY C 89 13.79 -4.91 24.71
CA GLY C 89 14.04 -4.94 26.15
C GLY C 89 14.84 -3.73 26.61
N GLU C 90 15.68 -3.92 27.62
CA GLU C 90 16.38 -2.81 28.25
C GLU C 90 17.87 -3.05 28.09
N PRO C 91 18.67 -1.97 28.13
CA PRO C 91 20.13 -2.11 28.08
C PRO C 91 20.67 -2.63 29.41
N SER C 92 21.94 -3.03 29.43
CA SER C 92 22.63 -3.37 30.66
C SER C 92 23.96 -2.63 30.76
N GLY C 93 24.70 -2.87 31.83
CA GLY C 93 26.07 -2.34 31.99
C GLY C 93 26.19 -0.83 32.03
N LYS C 94 27.22 -0.31 31.36
CA LYS C 94 27.58 1.12 31.37
C LYS C 94 26.49 2.01 30.82
N LEU C 95 25.88 1.60 29.71
CA LEU C 95 24.82 2.37 29.09
C LEU C 95 23.55 2.49 29.94
N ALA C 96 23.17 1.39 30.59
CA ALA C 96 21.99 1.39 31.43
C ALA C 96 22.18 2.30 32.65
N GLU C 97 23.39 2.27 33.20
CA GLU C 97 23.71 3.17 34.30
C GLU C 97 23.69 4.62 33.84
N ALA C 98 24.23 4.88 32.65
CA ALA C 98 24.27 6.22 32.03
C ALA C 98 22.89 6.78 31.74
N ILE C 99 21.99 5.92 31.24
CA ILE C 99 20.58 6.26 31.05
C ILE C 99 19.92 6.70 32.36
N ARG C 100 20.12 5.93 33.45
CA ARG C 100 19.60 6.33 34.76
C ARG C 100 20.22 7.63 35.26
N ALA C 101 21.53 7.80 35.05
CA ALA C 101 22.20 9.02 35.53
C ALA C 101 21.85 10.27 34.71
N SER C 102 21.29 10.06 33.52
CA SER C 102 20.86 11.16 32.64
C SER C 102 19.36 11.44 32.70
N PHE C 103 18.54 10.39 32.80
CA PHE C 103 17.06 10.51 32.78
C PHE C 103 16.34 10.22 34.12
N GLY C 104 17.06 9.67 35.10
CA GLY C 104 16.43 9.20 36.34
C GLY C 104 16.03 7.73 36.29
N SER C 105 15.63 7.26 35.12
CA SER C 105 15.24 5.84 34.95
C SER C 105 15.17 5.50 33.49
N PHE C 106 15.21 4.20 33.18
CA PHE C 106 14.94 3.74 31.82
C PHE C 106 13.53 4.14 31.36
N ALA C 107 12.53 3.94 32.23
CA ALA C 107 11.13 4.30 31.95
C ALA C 107 10.98 5.77 31.50
N LYS C 108 11.65 6.67 32.22
CA LYS C 108 11.59 8.10 31.90
C LYS C 108 12.22 8.42 30.53
N PHE C 109 13.38 7.81 30.28
CA PHE C 109 14.00 7.91 28.97
C PHE C 109 13.05 7.41 27.86
N LYS C 110 12.50 6.21 28.04
CA LYS C 110 11.55 5.62 27.10
C LYS C 110 10.37 6.54 26.82
N GLU C 111 9.85 7.16 27.87
CA GLU C 111 8.75 8.12 27.76
C GLU C 111 9.17 9.32 26.91
N GLU C 112 10.31 9.91 27.25
CA GLU C 112 10.83 11.07 26.55
C GLU C 112 11.13 10.77 25.07
N PHE C 113 11.76 9.64 24.79
CA PHE C 113 12.06 9.24 23.42
C PHE C 113 10.79 8.94 22.60
N THR C 114 9.88 8.16 23.17
CA THR C 114 8.58 7.89 22.53
C THR C 114 7.87 9.21 22.18
N ASN C 115 7.85 10.14 23.14
CA ASN C 115 7.11 11.39 22.96
C ASN C 115 7.69 12.20 21.84
N ALA C 116 9.02 12.13 21.71
CA ALA C 116 9.73 12.82 20.64
C ALA C 116 9.46 12.17 19.29
N ALA C 117 9.57 10.84 19.24
CA ALA C 117 9.31 10.08 18.00
C ALA C 117 7.86 10.21 17.48
N VAL C 118 6.90 10.07 18.39
CA VAL C 118 5.46 10.14 18.05
C VAL C 118 5.04 11.57 17.75
N GLY C 119 5.63 12.52 18.46
CA GLY C 119 5.22 13.90 18.40
C GLY C 119 5.85 14.68 17.27
N HIS C 120 6.93 14.16 16.67
CA HIS C 120 7.62 14.91 15.63
C HIS C 120 6.69 15.24 14.45
N PHE C 121 6.54 16.53 14.15
CA PHE C 121 5.65 16.94 13.09
C PHE C 121 6.40 17.00 11.76
N GLY C 122 5.79 16.40 10.74
CA GLY C 122 6.42 16.23 9.44
C GLY C 122 7.54 15.21 9.46
N SER C 123 8.50 15.41 8.56
CA SER C 123 9.57 14.44 8.33
C SER C 123 10.70 14.70 9.29
N GLY C 124 11.16 13.63 9.96
CA GLY C 124 12.37 13.76 10.80
C GLY C 124 12.85 12.52 11.51
N TRP C 125 13.61 12.76 12.57
CA TRP C 125 14.38 11.68 13.26
C TRP C 125 14.32 11.88 14.75
N ALA C 126 14.11 10.82 15.51
CA ALA C 126 14.34 10.89 16.97
C ALA C 126 15.66 10.22 17.35
N TRP C 127 16.45 10.90 18.15
CA TRP C 127 17.76 10.39 18.54
C TRP C 127 17.92 10.29 20.05
N LEU C 128 18.70 9.31 20.46
CA LEU C 128 19.45 9.39 21.69
C LEU C 128 20.85 9.83 21.30
N VAL C 129 21.33 10.92 21.92
CA VAL C 129 22.68 11.44 21.72
C VAL C 129 23.38 11.62 23.07
N GLN C 130 24.70 11.71 23.02
CA GLN C 130 25.49 12.08 24.18
C GLN C 130 26.19 13.39 23.92
N ASP C 131 26.11 14.30 24.89
CA ASP C 131 26.95 15.47 24.89
C ASP C 131 28.38 15.05 25.28
N THR C 132 29.32 15.24 24.37
CA THR C 132 30.68 14.76 24.56
C THR C 132 31.49 15.61 25.54
N THR C 133 30.97 16.79 25.90
CA THR C 133 31.64 17.59 26.94
C THR C 133 31.14 17.26 28.36
N THR C 134 29.82 17.25 28.57
CA THR C 134 29.25 16.95 29.89
C THR C 134 29.11 15.44 30.12
N LYS C 135 29.08 14.69 29.02
CA LYS C 135 28.86 13.23 29.00
C LYS C 135 27.41 12.84 29.26
N LYS C 136 26.54 13.83 29.40
CA LYS C 136 25.11 13.56 29.58
C LYS C 136 24.44 13.04 28.31
N LEU C 137 23.54 12.08 28.49
CA LEU C 137 22.66 11.61 27.43
C LEU C 137 21.42 12.50 27.31
N LYS C 138 20.96 12.75 26.09
CA LYS C 138 19.67 13.42 25.90
C LYS C 138 18.89 12.88 24.71
N VAL C 139 17.57 13.07 24.76
CA VAL C 139 16.73 12.85 23.60
C VAL C 139 16.83 14.10 22.74
N PHE C 140 16.90 13.92 21.43
CA PHE C 140 17.24 15.00 20.49
C PHE C 140 16.51 14.72 19.19
N GLN C 141 15.83 15.72 18.65
CA GLN C 141 15.14 15.53 17.36
C GLN C 141 15.87 16.28 16.26
N THR C 142 15.85 15.69 15.07
CA THR C 142 16.21 16.47 13.87
C THR C 142 15.04 16.40 12.88
N HIS C 143 14.93 17.45 12.06
CA HIS C 143 13.85 17.61 11.11
C HIS C 143 14.39 17.39 9.69
N ASP C 144 13.60 16.74 8.82
CA ASP C 144 14.00 16.44 7.44
C ASP C 144 15.31 15.63 7.42
N ALA C 145 16.38 16.16 6.84
CA ALA C 145 17.71 15.48 6.85
C ALA C 145 18.64 15.92 7.97
N GLY C 146 18.16 16.72 8.93
CA GLY C 146 19.05 17.19 10.01
C GLY C 146 19.79 16.06 10.70
N CYS C 147 21.01 16.33 11.11
CA CYS C 147 21.89 15.29 11.62
C CYS C 147 22.69 15.88 12.79
N PRO C 148 22.72 15.18 13.95
CA PRO C 148 23.43 15.71 15.16
C PRO C 148 24.93 15.99 14.96
N LEU C 149 25.54 15.42 13.91
CA LEU C 149 26.97 15.67 13.62
C LEU C 149 27.26 17.15 13.26
N THR C 150 26.24 17.92 12.91
CA THR C 150 26.45 19.36 12.62
C THR C 150 26.53 20.18 13.90
N GLU C 151 26.22 19.55 15.03
CA GLU C 151 26.35 20.15 16.35
C GLU C 151 27.71 19.69 16.87
N ALA C 152 28.54 20.61 17.35
CA ALA C 152 29.93 20.31 17.77
C ALA C 152 30.13 19.13 18.72
N ASP C 153 29.22 18.97 19.67
CA ASP C 153 29.52 18.16 20.84
C ASP C 153 28.49 17.06 21.03
N LEU C 154 27.83 16.65 19.94
CA LEU C 154 26.81 15.60 20.00
C LEU C 154 27.24 14.32 19.26
N LYS C 155 27.21 13.22 20.01
CA LYS C 155 27.57 11.91 19.47
C LYS C 155 26.30 11.09 19.43
N PRO C 156 25.86 10.67 18.23
CA PRO C 156 24.66 9.84 18.14
C PRO C 156 24.86 8.47 18.78
N ILE C 157 23.81 7.95 19.40
CA ILE C 157 23.83 6.65 20.08
C ILE C 157 22.80 5.74 19.40
N LEU C 158 21.61 6.29 19.16
CA LEU C 158 20.51 5.55 18.52
C LEU C 158 19.64 6.50 17.73
N THR C 159 19.00 5.99 16.67
CA THR C 159 17.98 6.79 15.98
C THR C 159 16.82 5.95 15.49
N CYS C 160 15.66 6.57 15.49
CA CYS C 160 14.44 6.05 14.86
C CYS C 160 13.92 7.03 13.80
N ASP C 161 13.92 6.57 12.55
CA ASP C 161 13.41 7.31 11.40
C ASP C 161 11.90 7.47 11.54
N VAL C 162 11.41 8.71 11.51
CA VAL C 162 9.93 8.93 11.59
C VAL C 162 9.38 9.66 10.36
N TRP C 163 10.17 9.73 9.29
CA TRP C 163 9.61 9.98 7.96
C TRP C 163 8.53 8.95 7.71
N GLU C 164 7.41 9.37 7.13
CA GLU C 164 6.28 8.47 6.86
C GLU C 164 6.66 7.24 6.05
N HIS C 165 7.61 7.36 5.13
CA HIS C 165 8.04 6.18 4.33
C HIS C 165 8.70 5.04 5.14
N ALA C 166 9.16 5.35 6.37
CA ALA C 166 9.79 4.36 7.24
C ALA C 166 8.78 3.31 7.71
N TYR C 167 7.51 3.70 7.79
CA TYR C 167 6.48 2.89 8.43
C TYR C 167 5.18 2.80 7.69
N TYR C 168 4.99 3.59 6.63
CA TYR C 168 3.67 3.64 5.97
C TYR C 168 3.17 2.30 5.39
N ILE C 169 4.10 1.47 4.92
CA ILE C 169 3.74 0.16 4.33
C ILE C 169 3.16 -0.77 5.42
N ASP C 170 3.88 -0.91 6.52
CA ASP C 170 3.45 -1.81 7.61
C ASP C 170 2.37 -1.21 8.56
N TYR C 171 2.34 0.11 8.71
CA TYR C 171 1.62 0.77 9.82
C TYR C 171 0.62 1.84 9.36
N LYS C 172 0.69 2.18 8.07
CA LYS C 172 0.01 3.36 7.53
C LYS C 172 0.29 4.53 8.45
N ASN C 173 -0.80 5.19 8.85
CA ASN C 173 -0.74 6.41 9.64
C ASN C 173 -0.35 6.16 11.10
N ASP C 174 -0.30 4.89 11.50
CA ASP C 174 -0.17 4.57 12.93
C ASP C 174 1.30 4.57 13.37
N ARG C 175 1.88 5.76 13.45
CA ARG C 175 3.23 5.95 13.93
C ARG C 175 3.42 5.45 15.39
N PRO C 176 2.43 5.68 16.29
CA PRO C 176 2.62 5.11 17.65
C PRO C 176 2.88 3.60 17.69
N ALA C 177 2.16 2.82 16.87
CA ALA C 177 2.36 1.37 16.77
C ALA C 177 3.76 1.05 16.24
N TYR C 178 4.18 1.81 15.24
CA TYR C 178 5.53 1.73 14.69
C TYR C 178 6.60 1.98 15.77
N VAL C 179 6.42 3.02 16.57
CA VAL C 179 7.37 3.35 17.65
C VAL C 179 7.41 2.24 18.71
N GLN C 180 6.27 1.62 18.97
CA GLN C 180 6.25 0.44 19.87
C GLN C 180 7.05 -0.75 19.29
N THR C 181 6.92 -0.97 17.99
CA THR C 181 7.80 -1.93 17.29
C THR C 181 9.29 -1.52 17.42
N PHE C 182 9.59 -0.23 17.25
CA PHE C 182 10.98 0.21 17.48
C PHE C 182 11.54 -0.28 18.81
N TRP C 183 10.75 -0.16 19.89
CA TRP C 183 11.16 -0.64 21.21
C TRP C 183 11.38 -2.15 21.31
N ASN C 184 10.78 -2.91 20.39
CA ASN C 184 11.03 -4.34 20.30
C ASN C 184 12.25 -4.75 19.48
N VAL C 185 12.79 -3.82 18.69
CA VAL C 185 13.95 -4.09 17.84
C VAL C 185 15.18 -3.22 18.19
N VAL C 186 15.04 -2.27 19.10
CA VAL C 186 16.13 -1.35 19.41
C VAL C 186 17.40 -2.14 19.80
N ASN C 187 18.52 -1.77 19.17
CA ASN C 187 19.76 -2.50 19.26
C ASN C 187 20.66 -1.88 20.36
N TRP C 188 20.61 -2.48 21.56
CA TRP C 188 21.42 -2.01 22.70
C TRP C 188 22.90 -2.31 22.53
N ASP C 189 23.23 -3.31 21.73
CA ASP C 189 24.63 -3.59 21.40
C ASP C 189 25.29 -2.46 20.60
N HIS C 190 24.58 -1.95 19.58
CA HIS C 190 25.04 -0.80 18.79
C HIS C 190 25.10 0.45 19.66
N ALA C 191 24.05 0.67 20.46
CA ALA C 191 24.01 1.83 21.39
C ALA C 191 25.20 1.85 22.34
N GLU C 192 25.47 0.70 22.96
CA GLU C 192 26.56 0.59 23.92
C GLU C 192 27.90 0.85 23.25
N ASN C 193 28.05 0.35 22.02
CA ASN C 193 29.29 0.57 21.27
C ASN C 193 29.50 2.03 20.91
N GLN C 194 28.42 2.70 20.51
CA GLN C 194 28.44 4.13 20.24
C GLN C 194 28.80 4.93 21.50
N PHE C 195 28.22 4.53 22.64
CA PHE C 195 28.44 5.17 23.95
C PHE C 195 29.89 5.12 24.42
N THR C 196 30.51 3.95 24.27
CA THR C 196 31.84 3.69 24.81
C THR C 196 32.92 4.22 23.89
N ARG C 197 32.56 4.37 22.62
CA ARG C 197 33.46 4.82 21.56
C ARG C 197 32.72 5.29 20.36
N MET D 1 -19.21 21.63 19.73
CA MET D 1 -17.82 21.16 19.41
C MET D 1 -17.31 21.29 17.97
N ALA D 2 -16.18 21.95 17.75
CA ALA D 2 -16.10 23.39 17.68
C ALA D 2 -15.78 23.53 16.17
N PHE D 3 -15.04 22.53 15.63
CA PHE D 3 -14.53 22.57 14.27
C PHE D 3 -14.99 21.33 13.52
N SER D 4 -15.16 21.49 12.21
CA SER D 4 -15.56 20.41 11.33
C SER D 4 -14.96 20.63 9.93
N ILE D 5 -14.94 19.58 9.12
CA ILE D 5 -14.47 19.70 7.75
C ILE D 5 -15.58 19.30 6.77
N PRO D 6 -15.56 19.88 5.56
CA PRO D 6 -16.56 19.43 4.59
C PRO D 6 -16.29 17.96 4.18
N PRO D 7 -17.36 17.24 3.80
CA PRO D 7 -17.11 15.90 3.18
C PRO D 7 -16.22 16.02 1.94
N LEU D 8 -15.60 14.91 1.55
CA LEU D 8 -14.89 14.88 0.24
C LEU D 8 -15.88 15.32 -0.84
N PRO D 9 -15.42 16.18 -1.77
CA PRO D 9 -16.36 16.72 -2.78
C PRO D 9 -16.93 15.63 -3.68
N TRP D 10 -16.18 14.53 -3.85
CA TRP D 10 -16.50 13.53 -4.88
C TRP D 10 -16.53 12.08 -4.35
N GLY D 11 -16.62 11.93 -3.02
CA GLY D 11 -16.77 10.60 -2.42
C GLY D 11 -15.44 9.87 -2.20
N TYR D 12 -15.43 8.88 -1.31
CA TYR D 12 -14.16 8.19 -0.99
C TYR D 12 -13.53 7.51 -2.21
N ASP D 13 -14.38 7.01 -3.10
CA ASP D 13 -13.91 6.31 -4.30
C ASP D 13 -13.92 7.15 -5.55
N GLY D 14 -14.06 8.47 -5.40
CA GLY D 14 -14.31 9.34 -6.54
C GLY D 14 -13.18 9.53 -7.52
N LEU D 15 -11.95 9.32 -7.05
CA LEU D 15 -10.74 9.46 -7.90
C LEU D 15 -10.13 8.11 -8.29
N ALA D 16 -10.80 7.02 -7.91
CA ALA D 16 -10.28 5.66 -8.14
C ALA D 16 -10.09 5.37 -9.61
N ALA D 17 -11.04 5.79 -10.45
CA ALA D 17 -10.94 5.67 -11.90
C ALA D 17 -9.81 6.49 -12.56
N LYS D 18 -9.27 7.45 -11.83
CA LYS D 18 -8.21 8.33 -12.31
C LYS D 18 -6.87 8.18 -11.60
N GLY D 19 -6.78 7.21 -10.70
CA GLY D 19 -5.49 6.88 -10.09
C GLY D 19 -5.29 7.26 -8.64
N ILE D 20 -6.36 7.59 -7.92
CA ILE D 20 -6.24 7.75 -6.46
C ILE D 20 -7.28 6.86 -5.80
N SER D 21 -6.82 5.80 -5.13
CA SER D 21 -7.71 4.70 -4.76
C SER D 21 -8.62 5.09 -3.61
N LYS D 22 -9.73 4.37 -3.46
CA LYS D 22 -10.58 4.48 -2.27
C LYS D 22 -9.75 4.36 -0.99
N GLU D 23 -8.88 3.34 -0.92
CA GLU D 23 -8.04 3.14 0.28
C GLU D 23 -7.10 4.34 0.57
N GLN D 24 -6.47 4.89 -0.48
CA GLN D 24 -5.59 6.03 -0.32
C GLN D 24 -6.33 7.30 0.16
N VAL D 25 -7.46 7.57 -0.47
CA VAL D 25 -8.35 8.66 -0.04
C VAL D 25 -8.90 8.44 1.38
N THR D 26 -9.27 7.20 1.71
CA THR D 26 -9.87 6.90 3.01
C THR D 26 -8.88 7.16 4.16
N PHE D 27 -7.66 6.64 4.06
CA PHE D 27 -6.66 6.89 5.09
C PHE D 27 -6.31 8.37 5.17
N HIS D 28 -6.18 9.02 4.01
CA HIS D 28 -5.77 10.40 4.00
C HIS D 28 -6.82 11.28 4.67
N TYR D 29 -8.07 11.05 4.31
CA TYR D 29 -9.17 11.85 4.83
C TYR D 29 -9.56 11.44 6.25
N ASP D 30 -9.83 10.15 6.47
CA ASP D 30 -10.38 9.68 7.76
C ASP D 30 -9.34 9.67 8.89
N LYS D 31 -8.08 9.42 8.55
CA LYS D 31 -7.03 9.37 9.56
C LYS D 31 -6.27 10.71 9.65
N HIS D 32 -5.62 11.13 8.57
CA HIS D 32 -4.81 12.35 8.61
C HIS D 32 -5.62 13.63 8.73
N HIS D 33 -6.49 13.88 7.77
CA HIS D 33 -7.26 15.12 7.71
C HIS D 33 -8.18 15.24 8.92
N MET D 34 -8.97 14.20 9.17
CA MET D 34 -9.85 14.18 10.35
C MET D 34 -9.09 14.17 11.68
N GLY D 35 -7.90 13.57 11.70
CA GLY D 35 -7.04 13.61 12.89
C GLY D 35 -6.69 15.02 13.35
N TYR D 36 -6.44 15.93 12.41
CA TYR D 36 -6.14 17.31 12.75
C TYR D 36 -7.36 17.97 13.40
N VAL D 37 -8.56 17.70 12.87
CA VAL D 37 -9.81 18.25 13.43
C VAL D 37 -10.05 17.75 14.86
N THR D 38 -9.90 16.45 15.06
CA THR D 38 -9.93 15.86 16.41
C THR D 38 -8.98 16.55 17.40
N LYS D 39 -7.73 16.75 16.98
CA LYS D 39 -6.72 17.40 17.82
C LYS D 39 -7.06 18.86 18.08
N LEU D 40 -7.60 19.54 17.06
CA LEU D 40 -7.98 20.94 17.21
C LEU D 40 -9.16 21.09 18.16
N ASN D 41 -10.15 20.21 17.99
CA ASN D 41 -11.29 20.19 18.89
C ASN D 41 -10.96 19.89 20.37
N ALA D 42 -9.96 19.04 20.61
CA ALA D 42 -9.43 18.83 21.95
C ALA D 42 -8.81 20.11 22.55
N ALA D 43 -8.08 20.86 21.73
CA ALA D 43 -7.46 22.12 22.15
C ALA D 43 -8.54 23.17 22.43
N ALA D 44 -9.59 23.16 21.60
CA ALA D 44 -10.69 24.12 21.69
C ALA D 44 -11.60 23.83 22.89
N ASN D 45 -11.64 22.57 23.33
CA ASN D 45 -12.45 22.12 24.47
C ASN D 45 -12.21 22.94 25.74
N SER D 46 -10.95 23.29 26.00
CA SER D 46 -10.57 24.03 27.22
C SER D 46 -10.37 25.54 27.00
N ASN D 47 -10.57 25.99 25.77
CA ASN D 47 -10.22 27.33 25.32
C ASN D 47 -11.36 27.91 24.47
N PRO D 48 -12.39 28.50 25.12
CA PRO D 48 -13.57 29.06 24.44
C PRO D 48 -13.22 30.10 23.36
N ALA D 49 -12.19 30.91 23.62
CA ALA D 49 -11.70 31.89 22.65
C ALA D 49 -11.21 31.27 21.34
N LEU D 50 -10.35 30.24 21.43
CA LEU D 50 -9.91 29.48 20.27
C LEU D 50 -11.08 28.82 19.52
N ALA D 51 -12.01 28.25 20.28
CA ALA D 51 -13.21 27.59 19.75
C ALA D 51 -14.07 28.53 18.89
N ALA D 52 -13.98 29.82 19.17
CA ALA D 52 -14.77 30.85 18.47
C ALA D 52 -14.06 31.42 17.26
N LYS D 53 -12.82 31.01 17.03
CA LYS D 53 -12.05 31.46 15.87
C LYS D 53 -12.27 30.55 14.67
N SER D 54 -12.28 31.14 13.48
CA SER D 54 -12.27 30.37 12.25
C SER D 54 -10.89 29.74 12.03
N VAL D 55 -10.84 28.71 11.19
CA VAL D 55 -9.59 28.09 10.81
C VAL D 55 -8.65 29.09 10.16
N GLU D 56 -9.20 29.93 9.28
CA GLU D 56 -8.43 30.96 8.59
CA GLU D 56 -8.44 30.96 8.58
C GLU D 56 -7.88 32.00 9.55
N GLU D 57 -8.69 32.38 10.54
CA GLU D 57 -8.26 33.31 11.59
C GLU D 57 -7.11 32.71 12.40
N ILE D 58 -7.21 31.42 12.72
CA ILE D 58 -6.14 30.71 13.45
C ILE D 58 -4.83 30.72 12.65
N ILE D 59 -4.92 30.41 11.36
CA ILE D 59 -3.79 30.41 10.44
C ILE D 59 -3.08 31.77 10.44
N ARG D 60 -3.86 32.85 10.47
CA ARG D 60 -3.31 34.21 10.36
C ARG D 60 -2.68 34.70 11.65
N THR D 61 -3.14 34.18 12.79
CA THR D 61 -2.80 34.78 14.10
C THR D 61 -2.00 33.90 15.06
N GLU D 62 -2.17 32.59 14.96
CA GLU D 62 -1.61 31.67 15.94
C GLU D 62 -0.28 31.08 15.49
N LYS D 63 0.49 30.56 16.45
CA LYS D 63 1.79 29.95 16.17
C LYS D 63 1.86 28.56 16.82
N GLY D 64 2.85 27.76 16.39
CA GLY D 64 3.12 26.44 16.98
C GLY D 64 2.12 25.34 16.63
N PRO D 65 1.96 24.34 17.52
CA PRO D 65 1.14 23.15 17.21
C PRO D 65 -0.30 23.48 16.79
N ILE D 66 -0.93 24.47 17.41
CA ILE D 66 -2.32 24.86 17.03
C ILE D 66 -2.40 25.44 15.61
N PHE D 67 -1.42 26.26 15.24
CA PHE D 67 -1.29 26.74 13.87
C PHE D 67 -1.24 25.56 12.89
N ASN D 68 -0.37 24.59 13.16
CA ASN D 68 -0.19 23.43 12.28
C ASN D 68 -1.49 22.69 12.01
N LEU D 69 -2.29 22.53 13.06
CA LEU D 69 -3.58 21.86 12.99
C LEU D 69 -4.56 22.62 12.10
N ALA D 70 -4.77 23.92 12.35
CA ALA D 70 -5.65 24.73 11.48
C ALA D 70 -5.14 24.83 10.04
N ALA D 71 -3.84 25.10 9.85
CA ALA D 71 -3.24 25.15 8.49
C ALA D 71 -3.39 23.83 7.73
N GLN D 72 -3.13 22.70 8.38
CA GLN D 72 -3.33 21.40 7.73
C GLN D 72 -4.78 21.15 7.36
N ILE D 73 -5.71 21.62 8.19
CA ILE D 73 -7.14 21.52 7.90
C ILE D 73 -7.47 22.29 6.60
N PHE D 74 -7.08 23.56 6.55
CA PHE D 74 -7.27 24.39 5.37
C PHE D 74 -6.61 23.78 4.12
N ASN D 75 -5.34 23.39 4.26
CA ASN D 75 -4.55 22.87 3.17
C ASN D 75 -5.20 21.60 2.57
N HIS D 76 -5.69 20.70 3.42
CA HIS D 76 -6.35 19.46 2.95
C HIS D 76 -7.70 19.75 2.32
N ASN D 77 -8.44 20.69 2.90
CA ASN D 77 -9.71 21.11 2.30
C ASN D 77 -9.44 21.61 0.89
N PHE D 78 -8.39 22.45 0.74
CA PHE D 78 -8.08 23.08 -0.55
C PHE D 78 -7.60 22.02 -1.55
N TYR D 79 -6.85 21.06 -1.03
CA TYR D 79 -6.37 19.92 -1.78
C TYR D 79 -7.48 19.05 -2.41
N TRP D 80 -8.48 18.67 -1.62
CA TRP D 80 -9.59 17.86 -2.15
C TRP D 80 -10.34 18.62 -3.24
N GLU D 81 -10.56 19.91 -3.03
CA GLU D 81 -11.22 20.76 -4.02
C GLU D 81 -10.37 21.01 -5.27
N SER D 82 -9.05 20.85 -5.14
CA SER D 82 -8.10 21.05 -6.25
C SER D 82 -8.12 19.85 -7.20
N MET D 83 -8.91 18.84 -6.86
CA MET D 83 -8.97 17.55 -7.62
C MET D 83 -10.40 17.22 -7.97
N SER D 84 -10.60 16.45 -9.04
CA SER D 84 -11.96 16.13 -9.48
C SER D 84 -11.92 14.92 -10.41
N PRO D 85 -12.95 14.04 -10.34
CA PRO D 85 -13.02 12.94 -11.32
C PRO D 85 -13.19 13.46 -12.76
N ASN D 86 -13.53 14.74 -12.89
CA ASN D 86 -13.70 15.40 -14.19
C ASN D 86 -12.58 16.39 -14.45
N GLY D 87 -11.49 16.28 -13.71
CA GLY D 87 -10.37 17.20 -13.86
C GLY D 87 -9.38 16.77 -14.92
N GLY D 88 -8.19 17.38 -14.89
CA GLY D 88 -7.19 17.10 -15.91
C GLY D 88 -7.23 18.06 -17.09
N GLY D 89 -6.36 17.81 -18.06
CA GLY D 89 -6.24 18.68 -19.22
C GLY D 89 -5.76 20.08 -18.84
N GLU D 90 -6.13 21.06 -19.65
CA GLU D 90 -5.72 22.45 -19.47
C GLU D 90 -6.92 23.32 -19.10
N PRO D 91 -6.68 24.47 -18.43
CA PRO D 91 -7.81 25.36 -18.20
C PRO D 91 -8.18 26.13 -19.47
N SER D 92 -9.30 26.84 -19.40
CA SER D 92 -9.75 27.73 -20.47
C SER D 92 -10.02 29.11 -19.90
N GLY D 93 -10.42 30.03 -20.77
CA GLY D 93 -10.85 31.35 -20.34
C GLY D 93 -9.82 32.18 -19.57
N LYS D 94 -10.28 32.79 -18.49
CA LYS D 94 -9.50 33.85 -17.82
C LYS D 94 -8.24 33.31 -17.15
N LEU D 95 -8.35 32.13 -16.53
CA LEU D 95 -7.18 31.54 -15.89
C LEU D 95 -6.13 31.03 -16.88
N ALA D 96 -6.57 30.54 -18.04
CA ALA D 96 -5.65 30.04 -19.06
C ALA D 96 -4.83 31.20 -19.63
N GLU D 97 -5.47 32.34 -19.83
CA GLU D 97 -4.79 33.56 -20.30
C GLU D 97 -3.80 34.06 -19.25
N ALA D 98 -4.21 34.03 -17.98
CA ALA D 98 -3.40 34.49 -16.87
C ALA D 98 -2.17 33.59 -16.64
N ILE D 99 -2.35 32.29 -16.82
CA ILE D 99 -1.22 31.37 -16.82
C ILE D 99 -0.19 31.72 -17.90
N ARG D 100 -0.64 31.89 -19.14
CA ARG D 100 0.23 32.37 -20.21
C ARG D 100 0.91 33.69 -19.89
N ALA D 101 0.17 34.64 -19.33
CA ALA D 101 0.68 35.99 -19.04
C ALA D 101 1.67 35.98 -17.87
N SER D 102 1.64 34.91 -17.07
CA SER D 102 2.50 34.78 -15.92
C SER D 102 3.69 33.84 -16.16
N PHE D 103 3.49 32.79 -16.95
CA PHE D 103 4.51 31.76 -17.18
C PHE D 103 5.03 31.63 -18.60
N GLY D 104 4.37 32.29 -19.55
CA GLY D 104 4.74 32.21 -20.96
C GLY D 104 3.86 31.21 -21.70
N SER D 105 3.53 30.12 -21.03
CA SER D 105 2.69 29.07 -21.60
C SER D 105 2.20 28.14 -20.50
N PHE D 106 1.18 27.33 -20.81
CA PHE D 106 0.75 26.29 -19.90
C PHE D 106 1.87 25.26 -19.65
N ALA D 107 2.53 24.82 -20.72
CA ALA D 107 3.63 23.86 -20.61
C ALA D 107 4.70 24.30 -19.61
N LYS D 108 5.09 25.58 -19.66
CA LYS D 108 6.11 26.11 -18.73
C LYS D 108 5.61 26.05 -17.28
N PHE D 109 4.38 26.51 -17.08
CA PHE D 109 3.76 26.41 -15.77
C PHE D 109 3.74 24.96 -15.24
N LYS D 110 3.33 24.02 -16.10
CA LYS D 110 3.24 22.62 -15.74
C LYS D 110 4.63 22.07 -15.34
N GLU D 111 5.66 22.46 -16.10
CA GLU D 111 7.02 22.05 -15.83
C GLU D 111 7.46 22.60 -14.46
N GLU D 112 7.24 23.89 -14.26
CA GLU D 112 7.63 24.53 -13.01
C GLU D 112 6.88 23.97 -11.78
N PHE D 113 5.58 23.70 -11.91
CA PHE D 113 4.80 23.13 -10.81
C PHE D 113 5.21 21.68 -10.56
N THR D 114 5.41 20.91 -11.64
CA THR D 114 5.89 19.53 -11.51
C THR D 114 7.23 19.50 -10.78
N ASN D 115 8.14 20.40 -11.17
CA ASN D 115 9.48 20.45 -10.58
C ASN D 115 9.41 20.75 -9.10
N ALA D 116 8.52 21.68 -8.72
CA ALA D 116 8.27 22.04 -7.30
C ALA D 116 7.69 20.86 -6.49
N ALA D 117 6.67 20.22 -7.05
CA ALA D 117 5.99 19.12 -6.39
C ALA D 117 6.90 17.90 -6.21
N VAL D 118 7.66 17.57 -7.26
CA VAL D 118 8.51 16.37 -7.27
C VAL D 118 9.80 16.67 -6.46
N GLY D 119 10.28 17.91 -6.57
CA GLY D 119 11.50 18.31 -5.90
C GLY D 119 11.41 18.62 -4.42
N HIS D 120 10.19 18.81 -3.90
CA HIS D 120 10.03 19.24 -2.51
C HIS D 120 10.62 18.21 -1.53
N PHE D 121 11.54 18.64 -0.68
CA PHE D 121 12.28 17.71 0.19
C PHE D 121 11.59 17.66 1.55
N GLY D 122 11.28 16.44 2.03
CA GLY D 122 10.45 16.25 3.23
C GLY D 122 8.97 16.50 2.96
N SER D 123 8.25 16.87 4.03
CA SER D 123 6.82 17.03 3.97
C SER D 123 6.50 18.43 3.51
N GLY D 124 5.57 18.55 2.56
CA GLY D 124 5.12 19.87 2.13
C GLY D 124 3.99 19.89 1.11
N TRP D 125 3.87 21.04 0.45
CA TRP D 125 2.77 21.35 -0.46
C TRP D 125 3.31 22.12 -1.67
N ALA D 126 2.84 21.78 -2.87
CA ALA D 126 3.08 22.66 -4.04
C ALA D 126 1.80 23.44 -4.36
N TRP D 127 1.95 24.76 -4.56
CA TRP D 127 0.82 25.65 -4.80
C TRP D 127 0.92 26.38 -6.15
N LEU D 128 -0.22 26.63 -6.77
CA LEU D 128 -0.39 27.82 -7.64
C LEU D 128 -1.06 28.90 -6.79
N VAL D 129 -0.43 30.08 -6.73
CA VAL D 129 -0.96 31.20 -6.00
C VAL D 129 -1.00 32.43 -6.92
N GLN D 130 -1.84 33.39 -6.57
CA GLN D 130 -1.79 34.70 -7.20
C GLN D 130 -1.32 35.74 -6.18
N ASP D 131 -0.40 36.59 -6.61
CA ASP D 131 -0.07 37.80 -5.86
C ASP D 131 -1.18 38.83 -6.11
N THR D 132 -1.91 39.19 -5.06
CA THR D 132 -3.09 40.04 -5.20
C THR D 132 -2.76 41.51 -5.46
N THR D 133 -1.49 41.91 -5.30
CA THR D 133 -1.05 43.27 -5.66
C THR D 133 -0.71 43.39 -7.15
N THR D 134 0.23 42.56 -7.60
CA THR D 134 0.68 42.58 -9.00
C THR D 134 -0.26 41.79 -9.91
N LYS D 135 -1.04 40.88 -9.33
CA LYS D 135 -1.99 40.01 -10.03
C LYS D 135 -1.32 38.83 -10.76
N LYS D 136 0.01 38.74 -10.60
CA LYS D 136 0.77 37.66 -11.21
C LYS D 136 0.56 36.33 -10.51
N LEU D 137 0.54 35.25 -11.29
CA LEU D 137 0.53 33.89 -10.75
C LEU D 137 1.96 33.40 -10.54
N LYS D 138 2.16 32.63 -9.48
CA LYS D 138 3.46 32.01 -9.19
C LYS D 138 3.25 30.58 -8.71
N VAL D 139 4.25 29.74 -8.94
CA VAL D 139 4.36 28.44 -8.28
C VAL D 139 5.06 28.71 -6.94
N PHE D 140 4.51 28.16 -5.86
CA PHE D 140 4.94 28.53 -4.51
C PHE D 140 4.88 27.27 -3.66
N GLN D 141 5.93 27.00 -2.90
CA GLN D 141 5.93 25.83 -2.03
C GLN D 141 5.79 26.22 -0.57
N THR D 142 5.13 25.37 0.20
CA THR D 142 5.22 25.45 1.65
C THR D 142 5.73 24.12 2.22
N HIS D 143 6.35 24.22 3.39
CA HIS D 143 6.94 23.04 4.01
C HIS D 143 6.08 22.69 5.21
N ASP D 144 5.92 21.40 5.47
CA ASP D 144 5.16 20.87 6.63
C ASP D 144 3.71 21.35 6.58
N ALA D 145 3.29 22.16 7.55
CA ALA D 145 1.94 22.76 7.53
C ALA D 145 1.88 24.20 7.00
N GLY D 146 2.98 24.72 6.47
CA GLY D 146 3.00 26.10 5.92
C GLY D 146 1.81 26.36 5.00
N CYS D 147 1.32 27.58 5.01
CA CYS D 147 0.10 27.94 4.28
C CYS D 147 0.27 29.37 3.70
N PRO D 148 -0.01 29.52 2.38
CA PRO D 148 0.13 30.83 1.73
C PRO D 148 -0.59 31.97 2.46
N LEU D 149 -1.60 31.63 3.25
CA LEU D 149 -2.44 32.63 3.91
C LEU D 149 -1.68 33.47 4.96
N THR D 150 -0.52 32.96 5.41
CA THR D 150 0.36 33.71 6.34
C THR D 150 1.14 34.84 5.64
N GLU D 151 1.11 34.86 4.31
CA GLU D 151 1.75 35.92 3.54
C GLU D 151 0.67 36.90 3.06
N ALA D 152 0.90 38.20 3.28
CA ALA D 152 -0.03 39.34 2.91
C ALA D 152 -1.03 39.00 1.78
N ASP D 153 -0.61 38.56 0.62
CA ASP D 153 -0.63 39.25 -0.65
C ASP D 153 -0.79 38.01 -1.58
N LEU D 154 -0.92 36.83 -0.96
CA LEU D 154 -1.02 35.55 -1.68
C LEU D 154 -2.39 34.91 -1.52
N LYS D 155 -3.02 34.66 -2.67
CA LYS D 155 -4.29 33.93 -2.77
C LYS D 155 -4.06 32.56 -3.38
N PRO D 156 -4.36 31.48 -2.65
CA PRO D 156 -4.21 30.15 -3.26
C PRO D 156 -5.20 29.90 -4.40
N ILE D 157 -4.73 29.15 -5.39
CA ILE D 157 -5.54 28.83 -6.56
C ILE D 157 -5.69 27.32 -6.60
N LEU D 158 -4.58 26.62 -6.35
CA LEU D 158 -4.56 25.18 -6.41
C LEU D 158 -3.43 24.64 -5.53
N THR D 159 -3.64 23.44 -4.97
CA THR D 159 -2.59 22.73 -4.24
C THR D 159 -2.52 21.23 -4.51
N CYS D 160 -1.29 20.71 -4.45
CA CYS D 160 -1.00 19.29 -4.45
C CYS D 160 -0.21 18.93 -3.16
N ASP D 161 -0.79 18.06 -2.33
CA ASP D 161 -0.14 17.56 -1.11
C ASP D 161 1.01 16.64 -1.49
N VAL D 162 2.22 16.92 -1.02
CA VAL D 162 3.33 16.02 -1.30
C VAL D 162 3.93 15.41 -0.03
N TRP D 163 3.24 15.53 1.12
CA TRP D 163 3.54 14.64 2.24
C TRP D 163 3.44 13.23 1.72
N GLU D 164 4.29 12.35 2.23
CA GLU D 164 4.35 10.94 1.79
C GLU D 164 3.03 10.19 1.98
N HIS D 165 2.27 10.55 3.02
CA HIS D 165 0.95 9.89 3.27
C HIS D 165 -0.12 10.14 2.19
N ALA D 166 0.08 11.21 1.40
CA ALA D 166 -0.83 11.55 0.32
C ALA D 166 -0.82 10.49 -0.79
N TYR D 167 0.33 9.83 -0.97
CA TYR D 167 0.55 8.97 -2.11
C TYR D 167 1.14 7.61 -1.79
N TYR D 168 1.59 7.42 -0.54
CA TYR D 168 2.30 6.18 -0.22
C TYR D 168 1.52 4.87 -0.45
N ILE D 169 0.21 4.89 -0.22
CA ILE D 169 -0.60 3.69 -0.41
C ILE D 169 -0.64 3.27 -1.88
N ASP D 170 -0.84 4.22 -2.80
CA ASP D 170 -0.98 3.88 -4.23
C ASP D 170 0.34 3.86 -5.00
N TYR D 171 1.29 4.69 -4.55
CA TYR D 171 2.50 4.95 -5.35
C TYR D 171 3.80 4.60 -4.67
N LYS D 172 3.69 4.23 -3.39
CA LYS D 172 4.87 4.11 -2.52
C LYS D 172 5.79 5.31 -2.71
N ASN D 173 7.06 5.04 -2.98
CA ASN D 173 8.11 6.05 -3.14
C ASN D 173 7.97 6.90 -4.39
N ASP D 174 7.08 6.50 -5.31
CA ASP D 174 7.09 7.06 -6.66
C ASP D 174 6.22 8.30 -6.72
N ARG D 175 6.72 9.38 -6.12
CA ARG D 175 6.02 10.65 -6.14
C ARG D 175 5.88 11.23 -7.57
N PRO D 176 6.90 11.05 -8.45
CA PRO D 176 6.69 11.50 -9.84
C PRO D 176 5.43 10.95 -10.48
N ALA D 177 5.12 9.66 -10.26
CA ALA D 177 3.94 9.02 -10.84
C ALA D 177 2.68 9.60 -10.21
N TYR D 178 2.75 9.90 -8.93
CA TYR D 178 1.64 10.51 -8.23
C TYR D 178 1.35 11.91 -8.79
N VAL D 179 2.40 12.71 -9.00
CA VAL D 179 2.23 14.07 -9.57
C VAL D 179 1.67 13.98 -11.02
N GLN D 180 2.05 12.96 -11.77
CA GLN D 180 1.46 12.78 -13.09
C GLN D 180 -0.07 12.49 -12.98
N THR D 181 -0.44 11.69 -11.98
CA THR D 181 -1.84 11.48 -11.63
C THR D 181 -2.53 12.79 -11.19
N PHE D 182 -1.85 13.59 -10.38
CA PHE D 182 -2.40 14.91 -10.05
C PHE D 182 -2.81 15.68 -11.33
N TRP D 183 -1.94 15.70 -12.33
CA TRP D 183 -2.25 16.38 -13.60
C TRP D 183 -3.49 15.85 -14.35
N ASN D 184 -3.88 14.60 -14.06
CA ASN D 184 -5.11 14.00 -14.62
C ASN D 184 -6.39 14.28 -13.83
N VAL D 185 -6.25 14.79 -12.60
CA VAL D 185 -7.41 15.10 -11.76
C VAL D 185 -7.50 16.59 -11.41
N VAL D 186 -6.49 17.39 -11.79
CA VAL D 186 -6.48 18.79 -11.40
C VAL D 186 -7.79 19.49 -11.81
N ASN D 187 -8.41 20.16 -10.84
CA ASN D 187 -9.74 20.76 -11.03
C ASN D 187 -9.64 22.24 -11.43
N TRP D 188 -9.67 22.49 -12.75
CA TRP D 188 -9.63 23.84 -13.28
C TRP D 188 -10.85 24.68 -12.95
N ASP D 189 -12.03 24.04 -12.74
CA ASP D 189 -13.22 24.77 -12.28
C ASP D 189 -12.99 25.45 -10.91
N HIS D 190 -12.47 24.71 -9.93
CA HIS D 190 -12.07 25.25 -8.62
C HIS D 190 -11.01 26.33 -8.77
N ALA D 191 -9.99 26.05 -9.58
CA ALA D 191 -8.91 27.00 -9.81
C ALA D 191 -9.39 28.33 -10.42
N GLU D 192 -10.25 28.22 -11.45
CA GLU D 192 -10.87 29.37 -12.11
C GLU D 192 -11.70 30.23 -11.16
N ASN D 193 -12.50 29.58 -10.31
CA ASN D 193 -13.27 30.25 -9.28
C ASN D 193 -12.41 30.96 -8.23
N GLN D 194 -11.31 30.32 -7.83
CA GLN D 194 -10.39 30.93 -6.87
C GLN D 194 -9.77 32.17 -7.48
N PHE D 195 -9.38 32.04 -8.75
CA PHE D 195 -8.76 33.12 -9.53
C PHE D 195 -9.65 34.37 -9.69
N THR D 196 -10.93 34.14 -9.98
CA THR D 196 -11.86 35.25 -10.24
C THR D 196 -12.39 35.92 -8.97
N ARG D 197 -12.49 35.12 -7.90
CA ARG D 197 -12.38 35.57 -6.50
C ARG D 197 -12.74 34.54 -5.45
FE FE E . -6.93 -15.83 -15.38
FE FE F . -10.88 -18.93 1.87
FE FE G . 13.88 6.92 5.70
FE FE H . -2.01 15.16 3.69
#